data_8EWO
#
_entry.id   8EWO
#
_cell.length_a   70.723
_cell.length_b   76.608
_cell.length_c   75.430
_cell.angle_alpha   90.000
_cell.angle_beta   94.630
_cell.angle_gamma   90.000
#
_symmetry.space_group_name_H-M   'P 1 21 1'
#
loop_
_entity.id
_entity.type
_entity.pdbx_description
1 polymer PA1813
2 non-polymer GLYCEROL
3 non-polymer 'ZINC ION'
4 non-polymer 'CHLORIDE ION'
5 water water
#
_entity_poly.entity_id   1
_entity_poly.type   'polypeptide(L)'
_entity_poly.pdbx_seq_one_letter_code
;GMIQIDALPAFNDNYIWLLQDATSRRCAVVDPGDAKPVEAWLAAHPDWRLSDILVTHHHHDHVGGVAALKELTGARVLGP
ANEKIPARDLALEDGERVEVLGLVFEIFHVPGHTLGHIAYYHPAETPLLFCGDTLFAAGCGRLFEGTPAQMHHSLARLAA
LPANTRVYCTHEYTLSNLRFALAVEPDNAALRERFEEATRLRERDRITLPSEISLELSTNPFLRVSENSVKKKADQRSGQ
QNRTPEEVFAVLRAWKDQF
;
_entity_poly.pdbx_strand_id   A,B,C
#
loop_
_chem_comp.id
_chem_comp.type
_chem_comp.name
_chem_comp.formula
CL non-polymer 'CHLORIDE ION' 'Cl -1'
GOL non-polymer GLYCEROL 'C3 H8 O3'
ZN non-polymer 'ZINC ION' 'Zn 2'
#
# COMPACT_ATOMS: atom_id res chain seq x y z
N GLY A 1 5.43 30.14 40.55
CA GLY A 1 6.37 29.37 39.73
C GLY A 1 6.20 27.87 39.90
N MET A 2 6.07 27.42 41.14
CA MET A 2 5.89 26.00 41.41
C MET A 2 4.49 25.55 41.00
N ILE A 3 4.41 24.45 40.28
CA ILE A 3 3.14 23.93 39.76
C ILE A 3 2.91 22.56 40.37
N GLN A 4 1.89 22.45 41.21
CA GLN A 4 1.47 21.16 41.75
C GLN A 4 0.50 20.49 40.79
N ILE A 5 0.70 19.20 40.55
CA ILE A 5 -0.10 18.43 39.60
C ILE A 5 -0.72 17.26 40.35
N ASP A 6 -2.04 17.24 40.44
CA ASP A 6 -2.78 16.21 41.17
C ASP A 6 -3.88 15.64 40.30
N ALA A 7 -4.15 14.35 40.49
CA ALA A 7 -5.19 13.67 39.74
C ALA A 7 -6.50 13.71 40.51
N LEU A 8 -7.57 14.13 39.82
CA LEU A 8 -8.91 14.04 40.36
C LEU A 8 -9.56 12.79 39.80
N PRO A 9 -9.88 11.79 40.62
CA PRO A 9 -10.52 10.57 40.10
C PRO A 9 -11.90 10.89 39.53
N ALA A 10 -12.25 10.18 38.46
CA ALA A 10 -13.54 10.36 37.82
C ALA A 10 -13.92 9.08 37.08
N PHE A 11 -15.22 8.85 36.97
CA PHE A 11 -15.78 7.70 36.24
C PHE A 11 -15.23 6.41 36.86
N ASN A 12 -14.85 5.43 36.06
CA ASN A 12 -14.30 4.18 36.56
C ASN A 12 -12.78 4.26 36.72
N ASP A 13 -12.08 4.73 35.70
CA ASP A 13 -10.62 4.74 35.71
C ASP A 13 -10.04 6.04 35.15
N ASN A 14 -10.81 7.12 35.12
CA ASN A 14 -10.36 8.37 34.54
C ASN A 14 -9.65 9.23 35.58
N TYR A 15 -8.68 10.00 35.12
CA TYR A 15 -7.96 10.98 35.95
C TYR A 15 -8.08 12.34 35.29
N ILE A 16 -8.59 13.32 36.05
CA ILE A 16 -8.67 14.70 35.59
C ILE A 16 -7.50 15.44 36.23
N TRP A 17 -6.41 15.57 35.48
CA TRP A 17 -5.21 16.19 36.02
C TRP A 17 -5.47 17.67 36.31
N LEU A 18 -5.15 18.10 37.53
CA LEU A 18 -5.39 19.45 37.98
C LEU A 18 -4.05 20.13 38.23
N LEU A 19 -3.68 21.04 37.34
CA LEU A 19 -2.45 21.81 37.48
C LEU A 19 -2.72 23.02 38.38
N GLN A 20 -1.85 23.24 39.37
CA GLN A 20 -2.11 24.23 40.40
C GLN A 20 -0.92 25.16 40.55
N ASP A 21 -1.16 26.46 40.39
CA ASP A 21 -0.22 27.51 40.79
C ASP A 21 -0.74 28.04 42.12
N ALA A 22 -0.17 27.53 43.22
CA ALA A 22 -0.68 27.86 44.54
C ALA A 22 -0.25 29.24 45.04
N THR A 23 0.67 29.91 44.34
CA THR A 23 1.04 31.26 44.73
C THR A 23 0.05 32.28 44.17
N SER A 24 -0.20 32.23 42.86
CA SER A 24 -1.22 33.07 42.26
C SER A 24 -2.62 32.50 42.43
N ARG A 25 -2.73 31.28 42.96
CA ARG A 25 -4.03 30.64 43.22
C ARG A 25 -4.86 30.50 41.95
N ARG A 26 -4.21 30.09 40.88
CA ARG A 26 -4.86 29.78 39.61
C ARG A 26 -4.60 28.32 39.26
N CYS A 27 -5.61 27.66 38.68
CA CYS A 27 -5.51 26.25 38.36
C CYS A 27 -6.03 25.99 36.96
N ALA A 28 -5.56 24.87 36.40
CA ALA A 28 -5.99 24.38 35.10
C ALA A 28 -6.34 22.90 35.21
N VAL A 29 -7.13 22.40 34.27
CA VAL A 29 -7.53 21.01 34.25
C VAL A 29 -7.34 20.45 32.85
N VAL A 30 -7.07 19.15 32.79
CA VAL A 30 -6.86 18.43 31.53
C VAL A 30 -7.96 17.38 31.40
N ASP A 31 -8.72 17.47 30.31
CA ASP A 31 -9.77 16.50 29.97
C ASP A 31 -10.77 16.31 31.10
N PRO A 32 -11.58 17.33 31.42
CA PRO A 32 -12.58 17.14 32.49
C PRO A 32 -13.87 16.50 31.96
N GLY A 33 -13.81 15.16 31.82
CA GLY A 33 -14.98 14.42 31.37
C GLY A 33 -16.15 14.47 32.34
N ASP A 34 -15.87 14.73 33.61
CA ASP A 34 -16.90 14.91 34.63
C ASP A 34 -16.62 16.23 35.33
N ALA A 35 -17.53 17.19 35.17
CA ALA A 35 -17.32 18.51 35.75
C ALA A 35 -17.46 18.52 37.27
N LYS A 36 -18.05 17.46 37.85
CA LYS A 36 -18.39 17.53 39.27
C LYS A 36 -17.15 17.49 40.17
N PRO A 37 -16.16 16.62 39.94
CA PRO A 37 -14.94 16.69 40.78
C PRO A 37 -14.24 18.03 40.71
N VAL A 38 -14.29 18.72 39.57
CA VAL A 38 -13.65 20.02 39.46
C VAL A 38 -14.46 21.08 40.22
N GLU A 39 -15.78 21.06 40.08
CA GLU A 39 -16.62 22.01 40.79
C GLU A 39 -16.46 21.86 42.30
N ALA A 40 -16.29 20.62 42.78
CA ALA A 40 -16.10 20.40 44.20
C ALA A 40 -14.78 20.97 44.69
N TRP A 41 -13.70 20.77 43.93
CA TRP A 41 -12.41 21.32 44.30
C TRP A 41 -12.45 22.85 44.30
N LEU A 42 -13.10 23.44 43.28
CA LEU A 42 -13.21 24.89 43.22
C LEU A 42 -14.07 25.43 44.35
N ALA A 43 -15.12 24.69 44.73
CA ALA A 43 -15.92 25.11 45.88
C ALA A 43 -15.11 25.03 47.17
N ALA A 44 -14.23 24.03 47.28
CA ALA A 44 -13.39 23.92 48.47
C ALA A 44 -12.27 24.95 48.48
N HIS A 45 -11.96 25.54 47.32
CA HIS A 45 -10.95 26.59 47.20
C HIS A 45 -11.57 27.81 46.53
N PRO A 46 -12.46 28.51 47.24
CA PRO A 46 -13.24 29.57 46.57
C PRO A 46 -12.42 30.74 46.09
N ASP A 47 -11.28 31.02 46.72
CA ASP A 47 -10.45 32.15 46.27
C ASP A 47 -9.57 31.79 45.08
N TRP A 48 -9.67 30.57 44.56
CA TRP A 48 -8.94 30.16 43.37
C TRP A 48 -9.74 30.47 42.12
N ARG A 49 -9.06 30.45 40.97
CA ARG A 49 -9.69 30.63 39.68
C ARG A 49 -9.24 29.54 38.72
N LEU A 50 -10.19 28.86 38.08
CA LEU A 50 -9.87 27.93 37.01
C LEU A 50 -9.67 28.74 35.72
N SER A 51 -8.43 28.79 35.26
CA SER A 51 -8.07 29.67 34.15
C SER A 51 -8.05 29.00 32.79
N ASP A 52 -7.69 27.71 32.73
CA ASP A 52 -7.54 27.05 31.44
C ASP A 52 -8.06 25.62 31.51
N ILE A 53 -8.70 25.18 30.43
CA ILE A 53 -9.19 23.83 30.28
C ILE A 53 -8.53 23.24 29.04
N LEU A 54 -7.78 22.16 29.23
CA LEU A 54 -6.97 21.55 28.17
C LEU A 54 -7.59 20.23 27.76
N VAL A 55 -7.91 20.08 26.49
CA VAL A 55 -8.53 18.87 25.95
C VAL A 55 -7.55 18.20 25.00
N THR A 56 -7.49 16.87 25.07
CA THR A 56 -6.64 16.09 24.17
C THR A 56 -7.40 15.57 22.95
N HIS A 57 -8.54 14.90 23.14
CA HIS A 57 -9.37 14.44 22.03
C HIS A 57 -10.84 14.54 22.43
N HIS A 58 -11.70 14.28 21.45
CA HIS A 58 -13.12 14.60 21.52
C HIS A 58 -13.97 13.57 22.28
N HIS A 59 -13.36 12.58 22.92
CA HIS A 59 -14.14 11.50 23.50
C HIS A 59 -14.92 11.97 24.73
N HIS A 60 -16.03 11.29 24.99
CA HIS A 60 -16.99 11.75 26.00
C HIS A 60 -16.34 11.87 27.37
N ASP A 61 -15.50 10.91 27.74
CA ASP A 61 -14.91 10.92 29.08
C ASP A 61 -13.81 11.98 29.25
N HIS A 62 -13.63 12.85 28.25
CA HIS A 62 -12.67 13.93 28.32
C HIS A 62 -13.29 15.32 28.17
N VAL A 63 -14.48 15.42 27.58
CA VAL A 63 -15.13 16.70 27.33
C VAL A 63 -16.51 16.78 27.97
N GLY A 64 -16.90 15.77 28.74
CA GLY A 64 -18.26 15.73 29.27
C GLY A 64 -18.60 16.92 30.14
N GLY A 65 -17.62 17.45 30.87
CA GLY A 65 -17.83 18.59 31.74
C GLY A 65 -17.20 19.89 31.27
N VAL A 66 -16.76 19.99 30.02
CA VAL A 66 -16.05 21.18 29.56
C VAL A 66 -17.00 22.36 29.45
N ALA A 67 -18.17 22.15 28.85
CA ALA A 67 -19.10 23.24 28.63
C ALA A 67 -19.60 23.82 29.95
N ALA A 68 -19.91 22.96 30.92
CA ALA A 68 -20.41 23.43 32.20
C ALA A 68 -19.34 24.16 33.00
N LEU A 69 -18.08 23.76 32.84
CA LEU A 69 -17.00 24.42 33.58
C LEU A 69 -16.72 25.80 33.02
N LYS A 70 -16.77 25.97 31.70
CA LYS A 70 -16.57 27.29 31.10
C LYS A 70 -17.66 28.26 31.56
N GLU A 71 -18.92 27.84 31.46
CA GLU A 71 -20.01 28.70 31.93
C GLU A 71 -19.91 28.97 33.42
N LEU A 72 -19.20 28.13 34.16
CA LEU A 72 -19.02 28.35 35.59
C LEU A 72 -17.83 29.26 35.87
N THR A 73 -16.70 29.02 35.20
CA THR A 73 -15.46 29.71 35.51
C THR A 73 -15.00 30.68 34.43
N GLY A 74 -15.49 30.57 33.20
CA GLY A 74 -14.99 31.38 32.12
C GLY A 74 -13.63 30.98 31.61
N ALA A 75 -13.13 29.81 32.01
CA ALA A 75 -11.80 29.39 31.65
C ALA A 75 -11.64 29.27 30.14
N ARG A 76 -10.41 29.53 29.67
CA ARG A 76 -10.10 29.33 28.26
C ARG A 76 -10.03 27.85 27.95
N VAL A 77 -10.78 27.41 26.94
CA VAL A 77 -10.83 26.02 26.54
C VAL A 77 -9.86 25.82 25.38
N LEU A 78 -8.81 25.03 25.62
CA LEU A 78 -7.88 24.62 24.59
C LEU A 78 -8.25 23.23 24.10
N GLY A 79 -8.28 23.07 22.77
CA GLY A 79 -8.66 21.81 22.19
C GLY A 79 -7.99 21.55 20.87
N PRO A 80 -8.02 20.30 20.43
CA PRO A 80 -7.43 19.97 19.12
C PRO A 80 -8.28 20.49 17.99
N ALA A 81 -7.61 20.92 16.92
CA ALA A 81 -8.31 21.30 15.71
C ALA A 81 -8.83 20.06 15.00
N ASN A 82 -9.79 20.28 14.08
CA ASN A 82 -10.35 19.22 13.25
C ASN A 82 -11.07 18.16 14.09
N GLU A 83 -11.53 18.55 15.27
CA GLU A 83 -12.42 17.72 16.08
C GLU A 83 -13.42 18.65 16.77
N LYS A 84 -14.64 18.16 16.96
CA LYS A 84 -15.65 18.96 17.64
C LYS A 84 -15.37 18.91 19.14
N ILE A 85 -15.07 20.06 19.73
CA ILE A 85 -14.72 20.18 21.14
C ILE A 85 -15.66 21.20 21.75
N PRO A 86 -16.40 20.85 22.80
CA PRO A 86 -17.40 21.79 23.36
C PRO A 86 -16.73 23.07 23.88
N ALA A 87 -17.31 24.21 23.50
CA ALA A 87 -16.91 25.52 24.01
C ALA A 87 -15.44 25.81 23.77
N ARG A 88 -14.86 25.27 22.70
CA ARG A 88 -13.44 25.44 22.43
C ARG A 88 -13.13 26.88 22.02
N ASP A 89 -12.14 27.48 22.68
CA ASP A 89 -11.68 28.82 22.34
C ASP A 89 -10.52 28.82 21.36
N LEU A 90 -9.58 27.90 21.53
CA LEU A 90 -8.36 27.84 20.71
C LEU A 90 -8.26 26.48 20.06
N ALA A 91 -8.27 26.47 18.72
CA ALA A 91 -8.02 25.24 17.96
C ALA A 91 -6.51 25.09 17.77
N LEU A 92 -5.97 23.98 18.23
CA LEU A 92 -4.53 23.77 18.29
C LEU A 92 -4.06 22.90 17.14
N GLU A 93 -3.01 23.33 16.45
CA GLU A 93 -2.39 22.60 15.37
C GLU A 93 -1.04 22.05 15.81
N ASP A 94 -0.48 21.18 14.98
CA ASP A 94 0.82 20.60 15.27
C ASP A 94 1.92 21.67 15.17
N GLY A 95 2.79 21.71 16.17
CA GLY A 95 3.88 22.66 16.21
C GLY A 95 3.58 23.94 16.94
N GLU A 96 2.30 24.25 17.20
CA GLU A 96 1.96 25.45 17.91
C GLU A 96 2.36 25.33 19.39
N ARG A 97 2.42 26.47 20.06
CA ARG A 97 2.78 26.53 21.47
C ARG A 97 1.78 27.40 22.21
N VAL A 98 1.49 27.01 23.46
CA VAL A 98 0.58 27.75 24.32
C VAL A 98 1.22 27.92 25.68
N GLU A 99 0.75 28.93 26.41
CA GLU A 99 1.23 29.23 27.75
C GLU A 99 0.08 29.03 28.74
N VAL A 100 0.22 28.06 29.62
CA VAL A 100 -0.78 27.74 30.64
C VAL A 100 -0.10 27.80 31.99
N LEU A 101 -0.59 28.69 32.87
CA LEU A 101 -0.01 28.90 34.19
C LEU A 101 1.48 29.23 34.10
N GLY A 102 1.85 29.98 33.06
CA GLY A 102 3.23 30.36 32.84
C GLY A 102 4.09 29.30 32.18
N LEU A 103 3.59 28.08 31.99
CA LEU A 103 4.35 27.01 31.38
C LEU A 103 4.06 26.95 29.89
N VAL A 104 5.12 26.95 29.08
CA VAL A 104 4.97 26.80 27.63
C VAL A 104 4.76 25.33 27.32
N PHE A 105 3.78 25.05 26.46
CA PHE A 105 3.44 23.69 26.07
C PHE A 105 3.52 23.57 24.56
N GLU A 106 4.28 22.59 24.08
CA GLU A 106 4.30 22.26 22.66
C GLU A 106 3.15 21.33 22.33
N ILE A 107 2.52 21.57 21.17
CA ILE A 107 1.37 20.80 20.74
C ILE A 107 1.83 19.76 19.72
N PHE A 108 1.68 18.49 20.07
CA PHE A 108 2.00 17.38 19.18
C PHE A 108 0.71 16.79 18.64
N HIS A 109 0.53 16.83 17.31
CA HIS A 109 -0.57 16.14 16.67
C HIS A 109 -0.23 14.66 16.62
N VAL A 110 -0.97 13.84 17.37
CA VAL A 110 -0.64 12.43 17.50
C VAL A 110 -1.82 11.58 17.04
N PRO A 111 -1.98 11.35 15.75
CA PRO A 111 -3.09 10.51 15.27
C PRO A 111 -2.93 9.06 15.72
N GLY A 112 -4.06 8.38 15.82
CA GLY A 112 -4.07 6.99 16.23
C GLY A 112 -5.32 6.60 16.98
N HIS A 113 -5.39 6.97 18.26
CA HIS A 113 -6.62 6.76 19.04
C HIS A 113 -7.79 7.47 18.38
N THR A 114 -7.61 8.75 18.06
CA THR A 114 -8.53 9.50 17.21
C THR A 114 -7.70 10.21 16.14
N LEU A 115 -8.38 10.72 15.12
CA LEU A 115 -7.66 11.35 14.01
C LEU A 115 -7.07 12.69 14.42
N GLY A 116 -7.72 13.43 15.31
CA GLY A 116 -7.27 14.74 15.72
C GLY A 116 -6.64 14.82 17.09
N HIS A 117 -6.35 13.69 17.73
CA HIS A 117 -5.75 13.68 19.05
C HIS A 117 -4.48 14.50 19.09
N ILE A 118 -4.32 15.30 20.16
CA ILE A 118 -3.12 16.09 20.38
C ILE A 118 -2.56 15.75 21.75
N ALA A 119 -1.34 16.25 22.01
CA ALA A 119 -0.67 16.06 23.29
C ALA A 119 0.04 17.35 23.68
N TYR A 120 0.11 17.59 24.99
CA TYR A 120 0.70 18.80 25.54
C TYR A 120 2.06 18.46 26.16
N TYR A 121 3.12 19.07 25.64
CA TYR A 121 4.49 18.79 26.06
C TYR A 121 5.12 20.07 26.58
N HIS A 122 5.58 20.04 27.83
CA HIS A 122 6.25 21.19 28.44
C HIS A 122 7.73 20.89 28.61
N PRO A 123 8.63 21.67 28.00
CA PRO A 123 10.06 21.40 28.17
C PRO A 123 10.64 22.08 29.39
N ALA A 124 11.42 21.33 30.17
CA ALA A 124 12.10 21.83 31.36
C ALA A 124 13.10 20.76 31.80
N GLU A 125 13.74 20.99 32.94
CA GLU A 125 14.64 19.98 33.50
C GLU A 125 13.90 18.65 33.67
N THR A 126 12.67 18.71 34.17
CA THR A 126 11.78 17.55 34.22
C THR A 126 10.59 17.85 33.32
N PRO A 127 10.60 17.38 32.07
CA PRO A 127 9.50 17.70 31.17
C PRO A 127 8.19 17.05 31.61
N LEU A 128 7.10 17.60 31.10
CA LEU A 128 5.75 17.11 31.38
C LEU A 128 5.05 16.80 30.06
N LEU A 129 4.34 15.68 30.03
CA LEU A 129 3.63 15.23 28.83
C LEU A 129 2.21 14.84 29.20
N PHE A 130 1.24 15.53 28.60
CA PHE A 130 -0.18 15.21 28.74
C PHE A 130 -0.64 14.63 27.41
N CYS A 131 -0.69 13.30 27.33
CA CYS A 131 -0.94 12.60 26.07
C CYS A 131 -2.30 11.92 26.03
N GLY A 132 -3.16 12.17 27.01
CA GLY A 132 -4.55 11.70 26.94
C GLY A 132 -4.64 10.19 26.82
N ASP A 133 -5.19 9.72 25.69
CA ASP A 133 -5.39 8.30 25.43
C ASP A 133 -4.42 7.75 24.39
N THR A 134 -3.39 8.50 24.01
CA THR A 134 -2.45 8.02 23.00
C THR A 134 -1.45 7.03 23.61
N LEU A 135 -0.60 7.51 24.51
CA LEU A 135 0.36 6.66 25.21
C LEU A 135 -0.12 6.42 26.63
N PHE A 136 -0.22 5.16 27.02
CA PHE A 136 -0.58 4.77 28.37
C PHE A 136 0.63 4.20 29.10
N ALA A 137 0.49 4.07 30.41
CA ALA A 137 1.53 3.43 31.22
C ALA A 137 1.62 1.96 30.83
N ALA A 138 2.69 1.60 30.12
CA ALA A 138 2.90 0.24 29.62
C ALA A 138 1.82 -0.18 28.63
N GLY A 139 1.26 0.78 27.91
CA GLY A 139 0.26 0.47 26.91
C GLY A 139 0.04 1.61 25.94
N CYS A 140 -1.08 1.55 25.23
CA CYS A 140 -1.47 2.59 24.30
C CYS A 140 -2.96 2.47 24.05
N GLY A 141 -3.53 3.51 23.43
CA GLY A 141 -4.96 3.53 23.19
C GLY A 141 -5.37 2.64 22.04
N ARG A 142 -6.66 2.31 22.03
CA ARG A 142 -7.22 1.53 20.94
C ARG A 142 -7.43 2.42 19.72
N LEU A 143 -7.37 1.80 18.54
CA LEU A 143 -7.45 2.53 17.28
C LEU A 143 -8.91 2.73 16.88
N PHE A 144 -9.56 3.64 17.62
CA PHE A 144 -10.95 3.96 17.32
C PHE A 144 -11.11 4.60 15.96
N GLU A 145 -10.13 5.41 15.54
CA GLU A 145 -10.25 6.16 14.29
C GLU A 145 -9.01 6.07 13.42
N GLY A 146 -7.84 5.93 14.04
CA GLY A 146 -6.60 5.94 13.29
C GLY A 146 -6.12 4.56 12.87
N THR A 147 -5.06 4.55 12.06
CA THR A 147 -4.42 3.33 11.58
C THR A 147 -3.23 2.99 12.44
N PRO A 148 -2.78 1.72 12.42
CA PRO A 148 -1.57 1.37 13.19
C PRO A 148 -0.34 2.13 12.74
N ALA A 149 -0.24 2.47 11.46
CA ALA A 149 0.88 3.28 10.99
C ALA A 149 0.86 4.66 11.63
N GLN A 150 -0.33 5.25 11.76
CA GLN A 150 -0.44 6.55 12.41
C GLN A 150 -0.09 6.47 13.89
N MET A 151 -0.62 5.47 14.59
CA MET A 151 -0.40 5.38 16.03
C MET A 151 1.06 5.07 16.35
N HIS A 152 1.69 4.21 15.55
CA HIS A 152 3.11 3.91 15.75
C HIS A 152 3.97 5.15 15.56
N HIS A 153 3.68 5.93 14.51
CA HIS A 153 4.42 7.17 14.29
C HIS A 153 4.20 8.14 15.44
N SER A 154 2.99 8.17 16.00
CA SER A 154 2.72 9.07 17.11
C SER A 154 3.49 8.65 18.36
N LEU A 155 3.41 7.37 18.72
CA LEU A 155 4.16 6.88 19.87
C LEU A 155 5.67 7.01 19.66
N ALA A 156 6.13 6.89 18.41
CA ALA A 156 7.55 7.06 18.14
C ALA A 156 8.00 8.48 18.45
N ARG A 157 7.14 9.47 18.18
CA ARG A 157 7.47 10.85 18.52
C ARG A 157 7.58 11.02 20.03
N LEU A 158 6.63 10.47 20.78
CA LEU A 158 6.65 10.60 22.23
C LEU A 158 7.81 9.84 22.84
N ALA A 159 8.21 8.71 22.23
CA ALA A 159 9.34 7.95 22.76
C ALA A 159 10.66 8.68 22.60
N ALA A 160 10.76 9.61 21.64
CA ALA A 160 11.96 10.38 21.43
C ALA A 160 12.11 11.54 22.41
N LEU A 161 11.08 11.82 23.21
CA LEU A 161 11.15 12.87 24.21
C LEU A 161 12.17 12.50 25.28
N PRO A 162 12.63 13.48 26.08
CA PRO A 162 13.63 13.20 27.10
C PRO A 162 13.22 12.03 28.00
N ALA A 163 14.23 11.31 28.50
CA ALA A 163 13.97 10.07 29.22
C ALA A 163 13.17 10.30 30.49
N ASN A 164 13.41 11.43 31.15
CA ASN A 164 12.72 11.75 32.40
C ASN A 164 11.42 12.51 32.19
N THR A 165 10.92 12.57 30.97
CA THR A 165 9.64 13.22 30.71
C THR A 165 8.52 12.47 31.43
N ARG A 166 7.70 13.21 32.16
CA ARG A 166 6.65 12.63 32.99
C ARG A 166 5.40 12.44 32.14
N VAL A 167 4.90 11.21 32.10
CA VAL A 167 3.78 10.83 31.23
C VAL A 167 2.49 10.91 32.04
N TYR A 168 1.63 11.87 31.69
CA TYR A 168 0.34 12.04 32.37
C TYR A 168 -0.78 11.59 31.44
N CYS A 169 -0.92 10.27 31.29
CA CYS A 169 -2.04 9.75 30.53
C CYS A 169 -3.31 9.84 31.37
N THR A 170 -4.45 9.46 30.77
CA THR A 170 -5.73 9.72 31.40
C THR A 170 -6.22 8.57 32.28
N HIS A 171 -6.03 7.33 31.85
CA HIS A 171 -6.75 6.21 32.45
C HIS A 171 -5.84 5.37 33.35
N GLU A 172 -6.47 4.75 34.35
CA GLU A 172 -5.81 3.82 35.25
C GLU A 172 -5.83 2.42 34.63
N TYR A 173 -5.06 2.27 33.55
CA TYR A 173 -4.97 1.02 32.81
C TYR A 173 -3.69 0.23 33.11
N THR A 174 -2.88 0.70 34.06
CA THR A 174 -1.52 0.20 34.18
C THR A 174 -1.47 -1.29 34.50
N LEU A 175 -2.30 -1.74 35.45
CA LEU A 175 -2.25 -3.15 35.85
C LEU A 175 -2.67 -4.06 34.71
N SER A 176 -3.71 -3.67 33.96
CA SER A 176 -4.11 -4.45 32.80
C SER A 176 -3.09 -4.34 31.67
N ASN A 177 -2.49 -3.16 31.51
CA ASN A 177 -1.49 -2.96 30.47
C ASN A 177 -0.26 -3.82 30.71
N LEU A 178 0.15 -3.96 31.98
CA LEU A 178 1.32 -4.76 32.29
C LEU A 178 1.05 -6.25 32.16
N ARG A 179 -0.19 -6.67 32.40
CA ARG A 179 -0.53 -8.09 32.25
C ARG A 179 -0.40 -8.53 30.80
N PHE A 180 -0.79 -7.66 29.86
CA PHE A 180 -0.58 -7.98 28.45
C PHE A 180 0.89 -7.96 28.09
N ALA A 181 1.66 -7.02 28.66
CA ALA A 181 3.08 -6.93 28.36
C ALA A 181 3.81 -8.20 28.76
N LEU A 182 3.39 -8.82 29.88
CA LEU A 182 4.01 -10.08 30.29
C LEU A 182 3.75 -11.19 29.28
N ALA A 183 2.65 -11.10 28.53
CA ALA A 183 2.42 -12.07 27.47
C ALA A 183 3.30 -11.83 26.25
N VAL A 184 3.78 -10.59 26.07
CA VAL A 184 4.68 -10.30 24.95
C VAL A 184 6.11 -10.63 25.32
N GLU A 185 6.55 -10.23 26.52
CA GLU A 185 7.91 -10.49 27.00
C GLU A 185 7.84 -11.05 28.41
N PRO A 186 7.63 -12.35 28.56
CA PRO A 186 7.65 -12.96 29.90
C PRO A 186 9.04 -12.96 30.53
N ASP A 187 10.10 -12.71 29.77
CA ASP A 187 11.46 -12.74 30.27
C ASP A 187 12.07 -11.34 30.42
N ASN A 188 11.23 -10.30 30.41
CA ASN A 188 11.71 -8.94 30.62
C ASN A 188 11.85 -8.69 32.12
N ALA A 189 13.10 -8.58 32.58
CA ALA A 189 13.35 -8.40 34.01
C ALA A 189 12.76 -7.08 34.51
N ALA A 190 12.95 -6.00 33.76
CA ALA A 190 12.42 -4.71 34.17
C ALA A 190 10.89 -4.71 34.16
N LEU A 191 10.28 -5.31 33.14
CA LEU A 191 8.83 -5.37 33.08
C LEU A 191 8.27 -6.20 34.22
N ARG A 192 8.91 -7.34 34.52
CA ARG A 192 8.47 -8.16 35.64
C ARG A 192 8.54 -7.38 36.94
N GLU A 193 9.62 -6.63 37.15
CA GLU A 193 9.74 -5.79 38.34
C GLU A 193 8.63 -4.76 38.40
N ARG A 194 8.31 -4.13 37.27
CA ARG A 194 7.30 -3.09 37.26
C ARG A 194 5.91 -3.66 37.55
N PHE A 195 5.64 -4.87 37.06
CA PHE A 195 4.33 -5.47 37.28
C PHE A 195 4.06 -5.71 38.77
N GLU A 196 5.08 -6.19 39.50
CA GLU A 196 4.92 -6.38 40.93
C GLU A 196 4.81 -5.05 41.66
N GLU A 197 5.46 -4.00 41.14
CA GLU A 197 5.36 -2.69 41.77
C GLU A 197 3.96 -2.11 41.63
N ALA A 198 3.41 -2.14 40.41
CA ALA A 198 2.05 -1.63 40.21
C ALA A 198 1.02 -2.48 40.93
N THR A 199 1.32 -3.77 41.14
CA THR A 199 0.39 -4.63 41.87
C THR A 199 0.25 -4.18 43.32
N ARG A 200 1.33 -3.69 43.93
CA ARG A 200 1.25 -3.18 45.30
C ARG A 200 0.50 -1.86 45.34
N LEU A 201 0.81 -0.95 44.42
CA LEU A 201 0.16 0.36 44.40
C LEU A 201 -1.36 0.23 44.27
N ARG A 202 -1.80 -0.60 43.32
CA ARG A 202 -3.23 -0.77 43.10
C ARG A 202 -3.89 -1.52 44.25
N GLU A 203 -3.15 -2.39 44.94
CA GLU A 203 -3.69 -3.04 46.12
C GLU A 203 -3.89 -2.07 47.27
N ARG A 204 -3.07 -1.03 47.33
CA ARG A 204 -3.28 0.08 48.26
C ARG A 204 -4.16 1.16 47.67
N ASP A 205 -4.67 0.96 46.46
CA ASP A 205 -5.51 1.94 45.75
C ASP A 205 -4.79 3.28 45.59
N ARG A 206 -3.50 3.21 45.23
CA ARG A 206 -2.70 4.39 44.95
C ARG A 206 -2.46 4.50 43.45
N ILE A 207 -2.25 5.74 42.99
CA ILE A 207 -2.12 6.00 41.56
C ILE A 207 -0.83 5.39 41.03
N THR A 208 -0.86 4.99 39.76
CA THR A 208 0.31 4.51 39.05
C THR A 208 0.88 5.54 38.09
N LEU A 209 0.42 6.78 38.16
CA LEU A 209 0.81 7.85 37.27
C LEU A 209 1.30 9.04 38.07
N PRO A 210 2.21 9.85 37.51
CA PRO A 210 2.75 9.81 36.14
C PRO A 210 3.86 8.78 35.95
N SER A 211 4.04 8.31 34.72
CA SER A 211 5.14 7.44 34.38
C SER A 211 6.30 8.25 33.80
N GLU A 212 7.41 7.57 33.55
CA GLU A 212 8.57 8.17 32.90
C GLU A 212 8.80 7.51 31.56
N ILE A 213 9.29 8.29 30.60
CA ILE A 213 9.50 7.78 29.25
C ILE A 213 10.53 6.65 29.25
N SER A 214 11.57 6.80 30.07
CA SER A 214 12.62 5.78 30.13
C SER A 214 12.04 4.44 30.54
N LEU A 215 11.22 4.42 31.60
CA LEU A 215 10.58 3.18 32.01
C LEU A 215 9.64 2.64 30.94
N GLU A 216 9.00 3.53 30.17
CA GLU A 216 8.17 3.09 29.06
C GLU A 216 9.01 2.49 27.94
N LEU A 217 10.15 3.10 27.63
CA LEU A 217 11.01 2.58 26.58
C LEU A 217 11.54 1.20 26.90
N SER A 218 11.54 0.80 28.17
CA SER A 218 12.09 -0.48 28.58
C SER A 218 11.04 -1.53 28.92
N THR A 219 9.78 -1.15 29.11
CA THR A 219 8.72 -2.09 29.49
C THR A 219 7.46 -2.01 28.64
N ASN A 220 7.22 -0.91 27.93
CA ASN A 220 6.01 -0.79 27.12
C ASN A 220 6.17 -1.55 25.82
N PRO A 221 5.33 -2.56 25.55
CA PRO A 221 5.53 -3.37 24.34
C PRO A 221 5.35 -2.59 23.04
N PHE A 222 4.38 -1.68 23.00
CA PHE A 222 4.11 -0.92 21.79
C PHE A 222 5.25 0.06 21.47
N LEU A 223 6.10 0.35 22.44
CA LEU A 223 7.28 1.16 22.22
C LEU A 223 8.53 0.33 21.97
N ARG A 224 8.37 -1.00 21.86
CA ARG A 224 9.49 -1.93 21.70
C ARG A 224 9.28 -2.84 20.50
N VAL A 225 8.56 -2.36 19.48
CA VAL A 225 8.27 -3.19 18.31
C VAL A 225 9.51 -3.48 17.47
N SER A 226 10.62 -2.78 17.71
CA SER A 226 11.88 -3.07 17.03
C SER A 226 12.73 -4.10 17.77
N GLU A 227 12.33 -4.50 18.97
CA GLU A 227 13.10 -5.46 19.74
C GLU A 227 12.97 -6.86 19.14
N ASN A 228 14.05 -7.63 19.25
CA ASN A 228 14.08 -8.97 18.67
C ASN A 228 13.04 -9.87 19.33
N SER A 229 12.92 -9.79 20.66
CA SER A 229 11.98 -10.65 21.37
C SER A 229 10.53 -10.31 21.04
N VAL A 230 10.22 -9.01 20.94
CA VAL A 230 8.86 -8.59 20.64
C VAL A 230 8.50 -8.96 19.20
N LYS A 231 9.39 -8.66 18.26
CA LYS A 231 9.15 -9.01 16.86
C LYS A 231 9.02 -10.52 16.68
N LYS A 232 9.72 -11.30 17.51
CA LYS A 232 9.63 -12.76 17.40
C LYS A 232 8.30 -13.27 17.94
N LYS A 233 7.84 -12.72 19.07
CA LYS A 233 6.53 -13.07 19.58
C LYS A 233 5.41 -12.50 18.71
N ALA A 234 5.69 -11.42 17.97
CA ALA A 234 4.69 -10.89 17.05
C ALA A 234 4.43 -11.84 15.89
N ASP A 235 5.50 -12.39 15.31
CA ASP A 235 5.33 -13.42 14.29
C ASP A 235 4.71 -14.68 14.88
N GLN A 236 5.00 -14.97 16.15
CA GLN A 236 4.40 -16.13 16.81
C GLN A 236 2.89 -16.00 16.89
N ARG A 237 2.40 -14.81 17.26
CA ARG A 237 0.96 -14.62 17.43
C ARG A 237 0.23 -14.66 16.09
N SER A 238 0.76 -13.98 15.08
CA SER A 238 0.11 -13.91 13.79
C SER A 238 0.45 -15.07 12.86
N GLY A 239 1.56 -15.77 13.12
CA GLY A 239 1.99 -16.82 12.22
C GLY A 239 2.46 -16.30 10.88
N GLN A 240 2.93 -15.06 10.82
CA GLN A 240 3.30 -14.44 9.57
C GLN A 240 4.73 -13.88 9.68
N GLN A 241 5.05 -12.94 8.81
CA GLN A 241 6.34 -12.26 8.81
C GLN A 241 6.07 -10.75 8.88
N ASN A 242 6.27 -10.18 10.06
CA ASN A 242 6.08 -8.74 10.26
C ASN A 242 7.38 -8.04 9.87
N ARG A 243 7.44 -7.59 8.61
CA ARG A 243 8.68 -7.09 8.03
C ARG A 243 9.06 -5.70 8.54
N THR A 244 8.08 -4.87 8.88
CA THR A 244 8.30 -3.50 9.30
C THR A 244 7.86 -3.31 10.74
N PRO A 245 8.42 -2.32 11.45
CA PRO A 245 7.95 -2.05 12.83
C PRO A 245 6.47 -1.67 12.89
N GLU A 246 5.91 -1.14 11.80
CA GLU A 246 4.49 -0.83 11.79
C GLU A 246 3.65 -2.11 11.82
N GLU A 247 4.06 -3.12 11.07
CA GLU A 247 3.32 -4.39 11.06
C GLU A 247 3.46 -5.12 12.39
N VAL A 248 4.64 -5.07 13.01
CA VAL A 248 4.82 -5.62 14.34
C VAL A 248 3.86 -4.93 15.31
N PHE A 249 3.68 -3.61 15.16
CA PHE A 249 2.76 -2.88 16.02
C PHE A 249 1.33 -3.29 15.77
N ALA A 250 0.94 -3.44 14.49
CA ALA A 250 -0.45 -3.74 14.16
C ALA A 250 -0.90 -5.07 14.76
N VAL A 251 0.01 -6.04 14.83
CA VAL A 251 -0.33 -7.32 15.43
C VAL A 251 -0.49 -7.18 16.93
N LEU A 252 0.37 -6.38 17.57
CA LEU A 252 0.32 -6.22 19.02
C LEU A 252 -0.99 -5.54 19.45
N ARG A 253 -1.38 -4.48 18.75
CA ARG A 253 -2.61 -3.78 19.12
C ARG A 253 -3.83 -4.65 18.89
N ALA A 254 -3.89 -5.37 17.77
CA ALA A 254 -4.97 -6.31 17.55
C ALA A 254 -4.93 -7.46 18.55
N TRP A 255 -3.74 -7.85 18.98
CA TRP A 255 -3.62 -8.88 20.01
C TRP A 255 -4.20 -8.41 21.33
N LYS A 256 -3.83 -7.20 21.77
CA LYS A 256 -4.35 -6.70 23.03
C LYS A 256 -5.83 -6.36 22.93
N ASP A 257 -6.32 -6.08 21.72
CA ASP A 257 -7.74 -5.76 21.55
C ASP A 257 -8.63 -6.93 21.95
N GLN A 258 -8.10 -8.15 21.90
CA GLN A 258 -8.85 -9.34 22.28
C GLN A 258 -8.17 -10.10 23.42
N PHE A 259 -7.31 -9.42 24.18
CA PHE A 259 -6.62 -10.04 25.31
C PHE A 259 -7.36 -9.73 26.61
N MET B 2 3.68 -13.23 -5.47
CA MET B 2 3.61 -11.88 -4.92
C MET B 2 4.99 -11.44 -4.45
N ILE B 3 5.52 -10.40 -5.08
CA ILE B 3 6.91 -9.98 -4.91
C ILE B 3 6.93 -8.64 -4.20
N GLN B 4 7.74 -8.55 -3.15
CA GLN B 4 8.01 -7.28 -2.49
C GLN B 4 9.30 -6.70 -3.06
N ILE B 5 9.27 -5.40 -3.38
CA ILE B 5 10.40 -4.73 -4.01
C ILE B 5 10.87 -3.62 -3.09
N ASP B 6 12.17 -3.63 -2.78
CA ASP B 6 12.78 -2.65 -1.89
C ASP B 6 14.07 -2.13 -2.51
N ALA B 7 14.39 -0.88 -2.22
CA ALA B 7 15.57 -0.22 -2.76
C ALA B 7 16.68 -0.22 -1.70
N LEU B 8 17.84 -0.77 -2.06
CA LEU B 8 19.01 -0.72 -1.20
C LEU B 8 19.88 0.44 -1.63
N PRO B 9 20.03 1.48 -0.82
CA PRO B 9 20.83 2.64 -1.24
C PRO B 9 22.30 2.29 -1.37
N ALA B 10 22.96 2.98 -2.30
CA ALA B 10 24.38 2.80 -2.52
C ALA B 10 24.93 4.05 -3.19
N PHE B 11 26.23 4.30 -2.96
CA PHE B 11 26.95 5.43 -3.55
C PHE B 11 26.22 6.73 -3.14
N ASN B 12 26.14 7.71 -4.03
CA ASN B 12 25.52 8.98 -3.72
C ASN B 12 24.00 8.92 -3.90
N ASP B 13 23.54 8.36 -5.02
CA ASP B 13 22.10 8.31 -5.29
C ASP B 13 21.68 7.02 -5.97
N ASN B 14 22.45 5.95 -5.85
CA ASN B 14 22.10 4.68 -6.50
C ASN B 14 21.13 3.89 -5.63
N TYR B 15 20.23 3.17 -6.30
CA TYR B 15 19.33 2.23 -5.65
C TYR B 15 19.55 0.84 -6.26
N ILE B 16 19.78 -0.15 -5.40
CA ILE B 16 19.88 -1.54 -5.82
C ILE B 16 18.53 -2.18 -5.51
N TRP B 17 17.73 -2.40 -6.55
CA TRP B 17 16.38 -2.90 -6.35
C TRP B 17 16.42 -4.36 -5.94
N LEU B 18 15.65 -4.70 -4.90
CA LEU B 18 15.64 -6.04 -4.32
C LEU B 18 14.23 -6.62 -4.48
N LEU B 19 14.10 -7.59 -5.37
CA LEU B 19 12.84 -8.30 -5.56
C LEU B 19 12.86 -9.57 -4.72
N GLN B 20 11.82 -9.75 -3.90
CA GLN B 20 11.80 -10.83 -2.91
C GLN B 20 10.55 -11.68 -3.08
N ASP B 21 10.75 -12.99 -3.18
CA ASP B 21 9.66 -13.97 -3.24
C ASP B 21 9.66 -14.72 -1.91
N ALA B 22 8.80 -14.30 -0.98
CA ALA B 22 8.78 -14.90 0.34
C ALA B 22 8.34 -16.36 0.29
N THR B 23 7.56 -16.74 -0.72
CA THR B 23 7.07 -18.12 -0.81
C THR B 23 8.21 -19.10 -1.04
N SER B 24 9.08 -18.80 -2.00
CA SER B 24 10.23 -19.65 -2.30
C SER B 24 11.50 -19.15 -1.61
N ARG B 25 11.45 -18.01 -0.93
CA ARG B 25 12.61 -17.42 -0.25
C ARG B 25 13.77 -17.23 -1.22
N ARG B 26 13.46 -16.73 -2.41
CA ARG B 26 14.46 -16.40 -3.41
C ARG B 26 14.37 -14.92 -3.72
N CYS B 27 15.52 -14.29 -3.95
CA CYS B 27 15.57 -12.87 -4.24
C CYS B 27 16.51 -12.60 -5.40
N ALA B 28 16.29 -11.44 -6.04
CA ALA B 28 17.11 -10.99 -7.16
C ALA B 28 17.40 -9.51 -6.98
N VAL B 29 18.54 -9.07 -7.51
CA VAL B 29 18.94 -7.68 -7.43
C VAL B 29 19.12 -7.13 -8.83
N VAL B 30 18.82 -5.83 -8.98
CA VAL B 30 19.00 -5.12 -10.23
C VAL B 30 20.16 -4.13 -10.04
N ASP B 31 21.20 -4.29 -10.86
CA ASP B 31 22.33 -3.37 -10.93
C ASP B 31 23.02 -3.20 -9.59
N PRO B 32 23.67 -4.23 -9.06
CA PRO B 32 24.37 -4.08 -7.76
C PRO B 32 25.79 -3.52 -7.92
N GLY B 33 25.87 -2.19 -8.00
CA GLY B 33 27.16 -1.54 -8.13
C GLY B 33 28.03 -1.70 -6.90
N ASP B 34 27.40 -1.83 -5.72
CA ASP B 34 28.10 -2.10 -4.48
C ASP B 34 27.57 -3.42 -3.92
N ALA B 35 28.48 -4.36 -3.66
CA ALA B 35 28.07 -5.68 -3.17
C ALA B 35 27.73 -5.65 -1.68
N LYS B 36 28.40 -4.79 -0.90
CA LYS B 36 28.19 -4.79 0.54
C LYS B 36 26.73 -4.57 0.96
N PRO B 37 25.95 -3.67 0.36
CA PRO B 37 24.54 -3.57 0.78
C PRO B 37 23.74 -4.83 0.53
N VAL B 38 24.00 -5.54 -0.56
CA VAL B 38 23.32 -6.80 -0.82
C VAL B 38 23.79 -7.88 0.15
N GLU B 39 25.10 -7.92 0.41
CA GLU B 39 25.64 -8.89 1.36
C GLU B 39 25.09 -8.67 2.76
N ALA B 40 24.81 -7.41 3.13
CA ALA B 40 24.23 -7.14 4.45
C ALA B 40 22.82 -7.70 4.56
N TRP B 41 22.02 -7.55 3.51
CA TRP B 41 20.66 -8.10 3.54
C TRP B 41 20.68 -9.63 3.59
N LEU B 42 21.56 -10.25 2.77
CA LEU B 42 21.64 -11.70 2.76
C LEU B 42 22.11 -12.24 4.11
N ALA B 43 23.07 -11.55 4.74
CA ALA B 43 23.52 -11.97 6.07
C ALA B 43 22.40 -11.82 7.10
N ALA B 44 21.52 -10.84 6.91
CA ALA B 44 20.36 -10.68 7.79
C ALA B 44 19.21 -11.59 7.41
N HIS B 45 19.29 -12.26 6.26
CA HIS B 45 18.28 -13.23 5.81
C HIS B 45 18.99 -14.50 5.38
N PRO B 46 19.58 -15.23 6.33
CA PRO B 46 20.43 -16.38 5.95
C PRO B 46 19.68 -17.49 5.25
N ASP B 47 18.37 -17.63 5.50
CA ASP B 47 17.59 -18.68 4.87
C ASP B 47 17.12 -18.33 3.47
N TRP B 48 17.56 -17.19 2.93
CA TRP B 48 17.22 -16.76 1.58
C TRP B 48 18.37 -17.06 0.63
N ARG B 49 18.04 -17.13 -0.66
CA ARG B 49 19.03 -17.34 -1.71
C ARG B 49 18.88 -16.26 -2.76
N LEU B 50 19.99 -15.63 -3.12
CA LEU B 50 20.01 -14.70 -4.24
C LEU B 50 20.16 -15.51 -5.52
N SER B 51 19.08 -15.58 -6.31
CA SER B 51 19.07 -16.44 -7.48
C SER B 51 19.50 -15.73 -8.75
N ASP B 52 19.22 -14.43 -8.88
CA ASP B 52 19.43 -13.73 -10.14
C ASP B 52 20.03 -12.35 -9.89
N ILE B 53 20.87 -11.92 -10.82
CA ILE B 53 21.42 -10.57 -10.85
C ILE B 53 21.07 -9.98 -12.21
N LEU B 54 20.31 -8.88 -12.20
CA LEU B 54 19.83 -8.24 -13.41
C LEU B 54 20.63 -6.97 -13.65
N VAL B 55 21.25 -6.85 -14.82
CA VAL B 55 22.08 -5.71 -15.18
C VAL B 55 21.47 -5.02 -16.38
N THR B 56 21.37 -3.69 -16.31
CA THR B 56 20.81 -2.87 -17.39
C THR B 56 21.87 -2.33 -18.35
N HIS B 57 23.00 -1.83 -17.83
CA HIS B 57 24.09 -1.38 -18.68
C HIS B 57 25.40 -1.53 -17.94
N HIS B 58 26.50 -1.25 -18.63
CA HIS B 58 27.84 -1.63 -18.21
C HIS B 58 28.51 -0.62 -17.28
N HIS B 59 27.82 0.44 -16.87
CA HIS B 59 28.49 1.46 -16.07
C HIS B 59 28.80 0.94 -14.67
N HIS B 60 29.87 1.49 -14.08
CA HIS B 60 30.44 0.93 -12.86
C HIS B 60 29.43 0.92 -11.70
N ASP B 61 28.62 1.96 -11.60
CA ASP B 61 27.66 2.02 -10.49
C ASP B 61 26.52 1.03 -10.65
N HIS B 62 26.56 0.18 -11.69
CA HIS B 62 25.58 -0.87 -11.88
C HIS B 62 26.17 -2.27 -11.92
N VAL B 63 27.48 -2.40 -12.16
CA VAL B 63 28.12 -3.70 -12.27
C VAL B 63 29.24 -3.90 -11.26
N GLY B 64 29.52 -2.89 -10.43
CA GLY B 64 30.71 -2.93 -9.59
C GLY B 64 30.75 -4.10 -8.63
N GLY B 65 29.60 -4.53 -8.12
CA GLY B 65 29.53 -5.63 -7.19
C GLY B 65 28.98 -6.91 -7.75
N VAL B 66 28.81 -7.02 -9.07
CA VAL B 66 28.22 -8.20 -9.66
C VAL B 66 29.12 -9.42 -9.48
N ALA B 67 30.42 -9.26 -9.75
CA ALA B 67 31.34 -10.39 -9.71
C ALA B 67 31.47 -10.95 -8.30
N ALA B 68 31.58 -10.07 -7.30
CA ALA B 68 31.66 -10.53 -5.92
C ALA B 68 30.36 -11.19 -5.47
N LEU B 69 29.22 -10.72 -5.98
CA LEU B 69 27.94 -11.30 -5.59
C LEU B 69 27.75 -12.68 -6.21
N LYS B 70 28.22 -12.88 -7.44
CA LYS B 70 28.11 -14.19 -8.06
C LYS B 70 29.02 -15.20 -7.37
N GLU B 71 30.25 -14.79 -7.02
CA GLU B 71 31.14 -15.67 -6.29
C GLU B 71 30.55 -16.06 -4.94
N LEU B 72 29.79 -15.15 -4.31
CA LEU B 72 29.16 -15.46 -3.03
C LEU B 72 27.97 -16.39 -3.21
N THR B 73 27.04 -16.05 -4.11
CA THR B 73 25.75 -16.71 -4.16
C THR B 73 25.60 -17.68 -5.33
N GLY B 74 26.47 -17.62 -6.32
CA GLY B 74 26.25 -18.41 -7.51
C GLY B 74 25.05 -17.99 -8.33
N ALA B 75 24.58 -16.76 -8.14
CA ALA B 75 23.37 -16.31 -8.81
C ALA B 75 23.59 -16.19 -10.31
N ARG B 76 22.52 -16.45 -11.06
CA ARG B 76 22.55 -16.24 -12.50
C ARG B 76 22.60 -14.74 -12.79
N VAL B 77 23.50 -14.35 -13.69
CA VAL B 77 23.69 -12.95 -14.04
C VAL B 77 23.08 -12.72 -15.42
N LEU B 78 22.14 -11.79 -15.51
CA LEU B 78 21.52 -11.38 -16.75
C LEU B 78 22.02 -9.99 -17.12
N GLY B 79 22.26 -9.79 -18.41
CA GLY B 79 22.76 -8.51 -18.88
C GLY B 79 22.58 -8.31 -20.36
N PRO B 80 22.83 -7.09 -20.83
CA PRO B 80 22.71 -6.80 -22.26
C PRO B 80 23.71 -7.61 -23.08
N ALA B 81 23.38 -7.79 -24.36
CA ALA B 81 24.12 -8.72 -25.20
C ALA B 81 25.41 -8.12 -25.74
N ASN B 82 25.45 -6.81 -25.99
CA ASN B 82 26.57 -6.18 -26.67
C ASN B 82 27.34 -5.22 -25.76
N GLU B 83 27.47 -5.57 -24.48
CA GLU B 83 28.27 -4.81 -23.54
C GLU B 83 29.03 -5.78 -22.64
N LYS B 84 30.13 -5.29 -22.07
CA LYS B 84 30.93 -6.10 -21.16
C LYS B 84 30.33 -6.03 -19.76
N ILE B 85 29.74 -7.13 -19.32
CA ILE B 85 29.13 -7.25 -18.00
C ILE B 85 29.90 -8.32 -17.23
N PRO B 86 30.42 -8.02 -16.04
CA PRO B 86 31.22 -9.01 -15.32
C PRO B 86 30.40 -10.24 -14.97
N ALA B 87 30.94 -11.41 -15.31
CA ALA B 87 30.37 -12.71 -14.95
C ALA B 87 28.97 -12.90 -15.51
N ARG B 88 28.74 -12.40 -16.72
CA ARG B 88 27.43 -12.49 -17.34
C ARG B 88 27.16 -13.91 -17.82
N ASP B 89 25.95 -14.41 -17.55
CA ASP B 89 25.54 -15.74 -17.96
C ASP B 89 24.58 -15.73 -19.14
N LEU B 90 23.74 -14.70 -19.26
CA LEU B 90 22.74 -14.62 -20.32
C LEU B 90 22.89 -13.30 -21.05
N ALA B 91 23.15 -13.37 -22.35
CA ALA B 91 23.26 -12.18 -23.20
C ALA B 91 21.88 -11.92 -23.80
N LEU B 92 21.13 -10.99 -23.20
CA LEU B 92 19.75 -10.74 -23.58
C LEU B 92 19.68 -9.76 -24.74
N GLU B 93 18.86 -10.09 -25.73
CA GLU B 93 18.62 -9.25 -26.89
C GLU B 93 17.18 -8.72 -26.85
N ASP B 94 16.90 -7.76 -27.73
CA ASP B 94 15.59 -7.13 -27.76
C ASP B 94 14.51 -8.14 -28.12
N GLY B 95 13.38 -8.05 -27.43
CA GLY B 95 12.26 -8.93 -27.66
C GLY B 95 12.31 -10.25 -26.90
N GLU B 96 13.47 -10.60 -26.33
CA GLU B 96 13.59 -11.86 -25.60
C GLU B 96 12.83 -11.78 -24.28
N ARG B 97 12.40 -12.95 -23.80
CA ARG B 97 11.73 -13.06 -22.51
C ARG B 97 12.52 -13.97 -21.59
N VAL B 98 12.56 -13.61 -20.31
CA VAL B 98 13.19 -14.41 -19.27
C VAL B 98 12.19 -14.61 -18.14
N GLU B 99 12.52 -15.54 -17.25
CA GLU B 99 11.70 -15.82 -16.08
C GLU B 99 12.56 -15.59 -14.84
N VAL B 100 12.20 -14.58 -14.06
CA VAL B 100 12.91 -14.22 -12.83
C VAL B 100 11.92 -14.29 -11.68
N LEU B 101 12.19 -15.18 -10.72
CA LEU B 101 11.34 -15.35 -9.54
C LEU B 101 9.90 -15.69 -9.92
N GLY B 102 9.74 -16.48 -10.98
CA GLY B 102 8.43 -16.87 -11.44
C GLY B 102 7.65 -15.80 -12.17
N LEU B 103 8.30 -14.69 -12.55
CA LEU B 103 7.65 -13.61 -13.27
C LEU B 103 8.18 -13.55 -14.69
N VAL B 104 7.30 -13.20 -15.63
CA VAL B 104 7.70 -12.98 -17.00
C VAL B 104 8.32 -11.60 -17.13
N PHE B 105 9.45 -11.53 -17.84
CA PHE B 105 10.13 -10.26 -18.09
C PHE B 105 10.43 -10.16 -19.58
N GLU B 106 9.94 -9.09 -20.21
CA GLU B 106 10.30 -8.77 -21.58
C GLU B 106 11.52 -7.86 -21.57
N ILE B 107 12.39 -8.05 -22.57
CA ILE B 107 13.63 -7.30 -22.68
C ILE B 107 13.48 -6.25 -23.76
N PHE B 108 13.70 -4.99 -23.40
CA PHE B 108 13.64 -3.87 -24.33
C PHE B 108 15.06 -3.33 -24.53
N HIS B 109 15.53 -3.35 -25.77
CA HIS B 109 16.79 -2.70 -26.10
C HIS B 109 16.56 -1.19 -26.20
N VAL B 110 17.19 -0.45 -25.30
CA VAL B 110 16.94 1.00 -25.21
C VAL B 110 18.25 1.76 -25.38
N PRO B 111 18.73 1.92 -26.61
CA PRO B 111 19.96 2.71 -26.82
C PRO B 111 19.73 4.17 -26.49
N GLY B 112 20.78 4.81 -25.98
CA GLY B 112 20.70 6.21 -25.60
C GLY B 112 21.77 6.59 -24.59
N HIS B 113 21.53 6.25 -23.32
CA HIS B 113 22.56 6.40 -22.30
C HIS B 113 23.82 5.67 -22.71
N THR B 114 23.71 4.35 -22.88
CA THR B 114 24.73 3.56 -23.56
C THR B 114 24.10 2.93 -24.80
N LEU B 115 24.95 2.39 -25.67
CA LEU B 115 24.45 1.82 -26.91
C LEU B 115 23.68 0.53 -26.65
N GLY B 116 24.18 -0.33 -25.78
CA GLY B 116 23.58 -1.61 -25.50
C GLY B 116 22.64 -1.65 -24.31
N HIS B 117 22.22 -0.49 -23.80
CA HIS B 117 21.32 -0.44 -22.65
C HIS B 117 20.04 -1.23 -22.91
N ILE B 118 19.63 -2.01 -21.91
CA ILE B 118 18.39 -2.78 -21.97
C ILE B 118 17.52 -2.42 -20.78
N ALA B 119 16.26 -2.85 -20.83
CA ALA B 119 15.30 -2.61 -19.77
C ALA B 119 14.44 -3.86 -19.57
N TYR B 120 14.19 -4.20 -18.32
CA TYR B 120 13.36 -5.34 -17.96
C TYR B 120 11.94 -4.87 -17.68
N TYR B 121 10.97 -5.48 -18.36
CA TYR B 121 9.57 -5.09 -18.24
C TYR B 121 8.73 -6.31 -17.90
N HIS B 122 8.02 -6.24 -16.78
CA HIS B 122 7.15 -7.33 -16.34
C HIS B 122 5.70 -6.96 -16.64
N PRO B 123 5.05 -7.59 -17.62
CA PRO B 123 3.64 -7.29 -17.86
C PRO B 123 2.76 -7.96 -16.82
N ALA B 124 1.84 -7.19 -16.24
CA ALA B 124 0.95 -7.68 -15.20
C ALA B 124 -0.17 -6.67 -15.03
N GLU B 125 -1.05 -6.94 -14.07
CA GLU B 125 -2.08 -5.97 -13.70
C GLU B 125 -1.46 -4.64 -13.32
N THR B 126 -0.37 -4.67 -12.56
CA THR B 126 0.45 -3.50 -12.29
C THR B 126 1.84 -3.80 -12.82
N PRO B 127 2.17 -3.37 -14.04
CA PRO B 127 3.47 -3.72 -14.63
C PRO B 127 4.63 -3.07 -13.89
N LEU B 128 5.80 -3.68 -14.03
CA LEU B 128 7.03 -3.19 -13.45
C LEU B 128 8.06 -2.96 -14.55
N LEU B 129 8.81 -1.88 -14.44
CA LEU B 129 9.81 -1.51 -15.44
C LEU B 129 11.11 -1.16 -14.74
N PHE B 130 12.17 -1.91 -15.06
CA PHE B 130 13.52 -1.63 -14.59
C PHE B 130 14.29 -1.05 -15.77
N CYS B 131 14.31 0.29 -15.87
CA CYS B 131 14.86 0.97 -17.02
C CYS B 131 16.25 1.56 -16.77
N GLY B 132 16.82 1.36 -15.59
CA GLY B 132 18.21 1.78 -15.37
C GLY B 132 18.40 3.27 -15.52
N ASP B 133 19.34 3.65 -16.38
CA ASP B 133 19.70 5.04 -16.61
C ASP B 133 19.06 5.61 -17.87
N THR B 134 18.04 4.95 -18.42
CA THR B 134 17.39 5.43 -19.64
C THR B 134 16.28 6.41 -19.28
N LEU B 135 15.23 5.93 -18.62
CA LEU B 135 14.15 6.78 -18.15
C LEU B 135 14.32 7.05 -16.67
N PHE B 136 14.32 8.31 -16.29
CA PHE B 136 14.34 8.73 -14.90
C PHE B 136 13.02 9.39 -14.54
N ALA B 137 12.73 9.42 -13.24
CA ALA B 137 11.56 10.14 -12.76
C ALA B 137 11.67 11.61 -13.14
N ALA B 138 10.83 12.06 -14.08
CA ALA B 138 10.84 13.42 -14.61
C ALA B 138 12.16 13.76 -15.30
N GLY B 139 12.83 12.75 -15.85
CA GLY B 139 14.06 13.01 -16.56
C GLY B 139 14.51 11.81 -17.37
N CYS B 140 15.78 11.83 -17.76
CA CYS B 140 16.38 10.74 -18.51
C CYS B 140 17.89 10.84 -18.38
N GLY B 141 18.57 9.76 -18.78
CA GLY B 141 20.01 9.71 -18.64
C GLY B 141 20.73 10.58 -19.66
N ARG B 142 21.97 10.92 -19.33
CA ARG B 142 22.80 11.68 -20.25
C ARG B 142 23.23 10.80 -21.43
N LEU B 143 23.50 11.46 -22.55
CA LEU B 143 23.87 10.76 -23.79
C LEU B 143 25.36 10.46 -23.77
N PHE B 144 25.72 9.41 -23.03
CA PHE B 144 27.11 9.00 -22.95
C PHE B 144 27.61 8.44 -24.27
N GLU B 145 26.81 7.58 -24.91
CA GLU B 145 27.27 6.87 -26.09
C GLU B 145 26.34 7.03 -27.28
N GLY B 146 25.04 7.16 -27.02
CA GLY B 146 24.05 7.20 -28.08
C GLY B 146 23.77 8.60 -28.61
N THR B 147 22.88 8.65 -29.61
CA THR B 147 22.43 9.87 -30.25
C THR B 147 21.08 10.31 -29.66
N PRO B 148 20.73 11.59 -29.82
CA PRO B 148 19.39 12.02 -29.36
C PRO B 148 18.26 11.28 -30.04
N ALA B 149 18.43 10.84 -31.29
CA ALA B 149 17.37 10.11 -31.97
C ALA B 149 17.14 8.75 -31.34
N GLN B 150 18.22 8.07 -30.94
CA GLN B 150 18.07 6.77 -30.30
C GLN B 150 17.37 6.88 -28.96
N MET B 151 17.76 7.87 -28.15
CA MET B 151 17.19 7.99 -26.81
C MET B 151 15.72 8.40 -26.87
N HIS B 152 15.36 9.28 -27.80
CA HIS B 152 13.95 9.64 -27.96
C HIS B 152 13.11 8.44 -28.36
N HIS B 153 13.61 7.64 -29.31
CA HIS B 153 12.91 6.42 -29.69
C HIS B 153 12.79 5.47 -28.50
N SER B 154 13.86 5.35 -27.71
CA SER B 154 13.82 4.51 -26.52
C SER B 154 12.79 5.01 -25.53
N LEU B 155 12.78 6.32 -25.27
CA LEU B 155 11.80 6.88 -24.34
C LEU B 155 10.38 6.76 -24.88
N ALA B 156 10.21 6.86 -26.21
CA ALA B 156 8.89 6.71 -26.79
C ALA B 156 8.34 5.30 -26.54
N ARG B 157 9.20 4.29 -26.65
CA ARG B 157 8.79 2.93 -26.33
C ARG B 157 8.34 2.81 -24.87
N LEU B 158 9.15 3.34 -23.95
CA LEU B 158 8.81 3.27 -22.54
C LEU B 158 7.56 4.09 -22.21
N ALA B 159 7.38 5.22 -22.90
CA ALA B 159 6.20 6.05 -22.67
C ALA B 159 4.92 5.41 -23.18
N ALA B 160 5.02 4.44 -24.10
CA ALA B 160 3.85 3.77 -24.65
C ALA B 160 3.38 2.59 -23.79
N LEU B 161 4.12 2.24 -22.75
CA LEU B 161 3.75 1.17 -21.84
C LEU B 161 2.46 1.52 -21.11
N PRO B 162 1.80 0.58 -20.45
CA PRO B 162 0.56 0.91 -19.71
C PRO B 162 0.78 2.06 -18.74
N ALA B 163 -0.30 2.82 -18.50
CA ALA B 163 -0.20 4.03 -17.71
C ALA B 163 0.16 3.76 -16.26
N ASN B 164 -0.23 2.59 -15.73
CA ASN B 164 0.06 2.26 -14.34
C ASN B 164 1.35 1.47 -14.18
N THR B 165 2.23 1.48 -15.18
CA THR B 165 3.52 0.82 -15.07
C THR B 165 4.38 1.53 -14.04
N ARG B 166 4.93 0.77 -13.11
CA ARG B 166 5.77 1.33 -12.05
C ARG B 166 7.20 1.42 -12.54
N VAL B 167 7.75 2.64 -12.54
CA VAL B 167 9.06 2.92 -13.11
C VAL B 167 10.10 2.74 -12.02
N TYR B 168 10.85 1.65 -12.08
CA TYR B 168 11.94 1.37 -11.15
C TYR B 168 13.25 1.74 -11.82
N CYS B 169 13.52 3.05 -11.89
CA CYS B 169 14.83 3.49 -12.34
C CYS B 169 15.82 3.49 -11.17
N THR B 170 17.08 3.79 -11.48
CA THR B 170 18.15 3.53 -10.51
C THR B 170 18.44 4.72 -9.60
N HIS B 171 18.53 5.92 -10.16
CA HIS B 171 19.13 7.06 -9.44
C HIS B 171 18.07 7.95 -8.82
N GLU B 172 18.41 8.52 -7.65
CA GLU B 172 17.56 9.47 -6.95
C GLU B 172 17.80 10.87 -7.53
N TYR B 173 17.42 11.02 -8.80
CA TYR B 173 17.53 12.29 -9.51
C TYR B 173 16.23 13.08 -9.51
N THR B 174 15.18 12.58 -8.86
CA THR B 174 13.82 13.09 -9.07
C THR B 174 13.73 14.59 -8.75
N LEU B 175 14.16 14.98 -7.55
CA LEU B 175 14.06 16.38 -7.17
C LEU B 175 14.86 17.27 -8.11
N SER B 176 16.07 16.84 -8.47
CA SER B 176 16.87 17.60 -9.43
C SER B 176 16.21 17.63 -10.80
N ASN B 177 15.63 16.50 -11.22
CA ASN B 177 14.96 16.44 -12.51
C ASN B 177 13.77 17.40 -12.57
N LEU B 178 13.06 17.57 -11.44
CA LEU B 178 11.89 18.42 -11.43
C LEU B 178 12.25 19.91 -11.45
N ARG B 179 13.40 20.27 -10.90
CA ARG B 179 13.82 21.67 -10.98
C ARG B 179 14.07 22.08 -12.42
N PHE B 180 14.69 21.20 -13.21
CA PHE B 180 14.88 21.49 -14.63
C PHE B 180 13.55 21.48 -15.37
N ALA B 181 12.68 20.52 -15.06
CA ALA B 181 11.38 20.43 -15.71
C ALA B 181 10.58 21.72 -15.53
N LEU B 182 10.68 22.34 -14.36
CA LEU B 182 9.97 23.58 -14.12
C LEU B 182 10.59 24.75 -14.87
N ALA B 183 11.86 24.65 -15.26
CA ALA B 183 12.44 25.64 -16.17
C ALA B 183 11.91 25.48 -17.59
N VAL B 184 11.49 24.28 -17.97
CA VAL B 184 10.90 24.04 -19.28
C VAL B 184 9.40 24.35 -19.28
N GLU B 185 8.69 23.93 -18.24
CA GLU B 185 7.24 24.13 -18.14
C GLU B 185 6.90 24.72 -16.77
N PRO B 186 7.09 26.03 -16.59
CA PRO B 186 6.74 26.65 -15.31
C PRO B 186 5.25 26.72 -15.05
N ASP B 187 4.41 26.39 -16.03
CA ASP B 187 2.96 26.47 -15.87
C ASP B 187 2.28 25.11 -15.75
N ASN B 188 3.05 24.02 -15.84
CA ASN B 188 2.49 22.66 -15.75
C ASN B 188 2.01 22.43 -14.32
N ALA B 189 0.68 22.49 -14.14
CA ALA B 189 0.10 22.37 -12.80
C ALA B 189 0.44 21.03 -12.16
N ALA B 190 0.37 19.94 -12.94
CA ALA B 190 0.71 18.62 -12.41
C ALA B 190 2.18 18.54 -12.02
N LEU B 191 3.06 19.21 -12.78
CA LEU B 191 4.48 19.22 -12.47
C LEU B 191 4.78 20.13 -11.29
N ARG B 192 4.09 21.28 -11.20
CA ARG B 192 4.24 22.15 -10.04
C ARG B 192 3.83 21.43 -8.77
N GLU B 193 2.80 20.59 -8.83
CA GLU B 193 2.39 19.81 -7.67
C GLU B 193 3.39 18.71 -7.36
N ARG B 194 3.96 18.08 -8.40
CA ARG B 194 4.91 17.00 -8.19
C ARG B 194 6.17 17.51 -7.48
N PHE B 195 6.64 18.70 -7.86
CA PHE B 195 7.82 19.26 -7.20
C PHE B 195 7.57 19.47 -5.71
N GLU B 196 6.35 19.87 -5.35
CA GLU B 196 6.03 20.02 -3.93
C GLU B 196 6.02 18.68 -3.21
N GLU B 197 5.49 17.64 -3.86
CA GLU B 197 5.44 16.33 -3.23
C GLU B 197 6.85 15.74 -3.07
N ALA B 198 7.67 15.85 -4.11
CA ALA B 198 9.04 15.32 -4.02
C ALA B 198 9.88 16.11 -3.03
N THR B 199 9.60 17.41 -2.88
CA THR B 199 10.30 18.19 -1.87
C THR B 199 10.00 17.68 -0.47
N ARG B 200 8.73 17.35 -0.20
CA ARG B 200 8.36 16.81 1.10
C ARG B 200 8.97 15.43 1.31
N LEU B 201 9.04 14.62 0.25
CA LEU B 201 9.60 13.27 0.39
C LEU B 201 11.07 13.32 0.78
N ARG B 202 11.87 14.11 0.06
CA ARG B 202 13.30 14.18 0.37
C ARG B 202 13.55 14.90 1.70
N GLU B 203 12.66 15.81 2.09
CA GLU B 203 12.79 16.45 3.40
C GLU B 203 12.68 15.43 4.52
N ARG B 204 11.77 14.47 4.38
CA ARG B 204 11.65 13.35 5.31
C ARG B 204 12.62 12.22 4.98
N ASP B 205 13.56 12.45 4.06
CA ASP B 205 14.55 11.45 3.65
C ASP B 205 13.89 10.20 3.06
N ARG B 206 12.73 10.37 2.44
CA ARG B 206 12.02 9.25 1.83
C ARG B 206 12.36 9.15 0.35
N ILE B 207 12.16 7.95 -0.20
CA ILE B 207 12.48 7.66 -1.59
C ILE B 207 11.35 8.15 -2.49
N THR B 208 11.70 8.60 -3.68
CA THR B 208 10.74 9.09 -4.66
C THR B 208 10.39 8.07 -5.72
N LEU B 209 10.91 6.85 -5.61
CA LEU B 209 10.70 5.81 -6.60
C LEU B 209 10.01 4.60 -5.96
N PRO B 210 9.22 3.83 -6.73
CA PRO B 210 8.99 3.93 -8.17
C PRO B 210 7.97 4.98 -8.58
N SER B 211 8.03 5.42 -9.83
CA SER B 211 7.07 6.34 -10.40
C SER B 211 6.07 5.57 -11.26
N GLU B 212 5.07 6.28 -11.76
CA GLU B 212 4.12 5.73 -12.72
C GLU B 212 4.34 6.38 -14.08
N ILE B 213 4.07 5.62 -15.14
CA ILE B 213 4.19 6.16 -16.49
C ILE B 213 3.23 7.33 -16.67
N SER B 214 2.00 7.20 -16.16
CA SER B 214 1.04 8.28 -16.24
C SER B 214 1.60 9.57 -15.65
N LEU B 215 2.21 9.47 -14.47
CA LEU B 215 2.84 10.64 -13.87
C LEU B 215 3.99 11.15 -14.73
N GLU B 216 4.70 10.25 -15.42
CA GLU B 216 5.79 10.68 -16.30
C GLU B 216 5.26 11.34 -17.56
N LEU B 217 4.17 10.81 -18.12
CA LEU B 217 3.61 11.39 -19.33
C LEU B 217 3.15 12.83 -19.10
N SER B 218 2.81 13.18 -17.87
CA SER B 218 2.24 14.48 -17.57
C SER B 218 3.22 15.47 -16.95
N THR B 219 4.42 15.02 -16.56
CA THR B 219 5.41 15.91 -15.94
C THR B 219 6.81 15.81 -16.52
N ASN B 220 7.18 14.72 -17.16
CA ASN B 220 8.53 14.54 -17.67
C ASN B 220 8.71 15.34 -18.96
N PRO B 221 9.64 16.30 -19.02
CA PRO B 221 9.78 17.11 -20.24
C PRO B 221 10.23 16.30 -21.45
N PHE B 222 11.14 15.34 -21.26
CA PHE B 222 11.62 14.54 -22.37
C PHE B 222 10.56 13.60 -22.92
N LEU B 223 9.50 13.35 -22.16
CA LEU B 223 8.35 12.60 -22.65
C LEU B 223 7.24 13.49 -23.17
N ARG B 224 7.47 14.80 -23.24
CA ARG B 224 6.47 15.76 -23.68
C ARG B 224 6.98 16.59 -24.86
N VAL B 225 7.92 16.03 -25.63
CA VAL B 225 8.55 16.76 -26.72
C VAL B 225 7.56 17.13 -27.82
N SER B 226 6.40 16.48 -27.86
CA SER B 226 5.38 16.79 -28.84
C SER B 226 4.31 17.74 -28.29
N GLU B 227 4.42 18.15 -27.03
CA GLU B 227 3.47 19.09 -26.43
C GLU B 227 3.78 20.51 -26.87
N ASN B 228 2.71 21.24 -27.22
CA ASN B 228 2.87 22.59 -27.78
C ASN B 228 3.75 23.48 -26.90
N SER B 229 3.57 23.42 -25.58
CA SER B 229 4.34 24.26 -24.68
C SER B 229 5.82 23.90 -24.72
N VAL B 230 6.13 22.61 -24.81
CA VAL B 230 7.53 22.18 -24.78
C VAL B 230 8.23 22.53 -26.09
N LYS B 231 7.54 22.31 -27.22
CA LYS B 231 8.14 22.69 -28.51
C LYS B 231 8.49 24.16 -28.55
N LYS B 232 7.62 25.01 -27.98
CA LYS B 232 7.91 26.44 -27.93
C LYS B 232 9.22 26.71 -27.19
N LYS B 233 9.30 26.26 -25.93
CA LYS B 233 10.48 26.53 -25.11
C LYS B 233 11.75 26.04 -25.79
N ALA B 234 11.69 24.90 -26.46
CA ALA B 234 12.87 24.41 -27.17
C ALA B 234 13.24 25.33 -28.33
N ASP B 235 12.25 25.96 -28.95
CA ASP B 235 12.53 26.84 -30.09
C ASP B 235 13.10 28.18 -29.63
N GLN B 236 12.56 28.76 -28.55
CA GLN B 236 13.08 30.04 -28.07
C GLN B 236 14.50 29.91 -27.55
N ARG B 237 14.81 28.81 -26.87
CA ARG B 237 16.14 28.63 -26.32
C ARG B 237 17.16 28.34 -27.41
N SER B 238 16.81 27.48 -28.36
CA SER B 238 17.73 27.08 -29.41
C SER B 238 17.79 28.08 -30.56
N GLY B 239 16.79 28.93 -30.71
CA GLY B 239 16.77 29.85 -31.82
C GLY B 239 16.51 29.21 -33.17
N GLN B 240 15.92 28.02 -33.18
CA GLN B 240 15.60 27.29 -34.40
C GLN B 240 14.16 26.82 -34.33
N GLN B 241 13.67 26.30 -35.45
CA GLN B 241 12.36 25.67 -35.53
C GLN B 241 12.57 24.16 -35.65
N ASN B 242 12.43 23.46 -34.54
CA ASN B 242 12.62 22.01 -34.50
C ASN B 242 11.34 21.34 -35.01
N ARG B 243 11.39 20.80 -36.22
CA ARG B 243 10.21 20.28 -36.90
C ARG B 243 9.89 18.83 -36.54
N THR B 244 10.73 18.17 -35.74
CA THR B 244 10.50 16.79 -35.32
C THR B 244 10.72 16.70 -33.82
N PRO B 245 10.11 15.69 -33.16
CA PRO B 245 10.33 15.54 -31.71
C PRO B 245 11.76 15.18 -31.37
N GLU B 246 12.48 14.51 -32.28
CA GLU B 246 13.88 14.18 -32.01
C GLU B 246 14.71 15.45 -31.84
N GLU B 247 14.45 16.47 -32.66
CA GLU B 247 15.18 17.73 -32.52
C GLU B 247 14.76 18.47 -31.25
N VAL B 248 13.46 18.48 -30.96
CA VAL B 248 12.98 19.09 -29.72
C VAL B 248 13.63 18.42 -28.50
N PHE B 249 13.69 17.08 -28.53
CA PHE B 249 14.36 16.36 -27.45
C PHE B 249 15.83 16.72 -27.38
N ALA B 250 16.50 16.79 -28.53
CA ALA B 250 17.94 17.07 -28.55
C ALA B 250 18.25 18.41 -27.90
N VAL B 251 17.40 19.41 -28.15
CA VAL B 251 17.60 20.72 -27.51
C VAL B 251 17.43 20.60 -26.01
N LEU B 252 16.44 19.82 -25.56
CA LEU B 252 16.18 19.67 -24.14
C LEU B 252 17.32 18.97 -23.42
N ARG B 253 17.86 17.91 -24.04
CA ARG B 253 18.91 17.13 -23.39
C ARG B 253 20.20 17.95 -23.26
N ALA B 254 20.59 18.64 -24.33
CA ALA B 254 21.77 19.50 -24.27
C ALA B 254 21.56 20.66 -23.31
N TRP B 255 20.32 21.15 -23.20
CA TRP B 255 20.00 22.19 -22.23
C TRP B 255 20.23 21.69 -20.81
N LYS B 256 19.71 20.51 -20.48
CA LYS B 256 19.87 19.98 -19.13
C LYS B 256 21.32 19.62 -18.85
N ASP B 257 22.10 19.28 -19.88
CA ASP B 257 23.52 19.04 -19.70
C ASP B 257 24.20 20.26 -19.10
N GLN B 258 23.88 21.45 -19.61
CA GLN B 258 24.43 22.70 -19.11
C GLN B 258 23.66 23.28 -17.94
N PHE B 259 22.54 22.67 -17.56
CA PHE B 259 21.71 23.21 -16.49
C PHE B 259 22.40 23.11 -15.13
N GLY C 1 -26.41 -24.86 -30.35
CA GLY C 1 -25.03 -25.01 -30.77
C GLY C 1 -24.07 -25.10 -29.60
N MET C 2 -23.23 -26.13 -29.60
CA MET C 2 -22.28 -26.33 -28.51
C MET C 2 -21.11 -25.37 -28.62
N ILE C 3 -20.59 -24.96 -27.46
CA ILE C 3 -19.55 -23.96 -27.37
C ILE C 3 -18.40 -24.52 -26.54
N GLN C 4 -17.22 -24.60 -27.15
CA GLN C 4 -16.00 -24.96 -26.44
C GLN C 4 -15.25 -23.69 -26.03
N ILE C 5 -14.77 -23.66 -24.80
CA ILE C 5 -14.12 -22.48 -24.23
C ILE C 5 -12.70 -22.84 -23.85
N ASP C 6 -11.74 -22.13 -24.45
CA ASP C 6 -10.32 -22.34 -24.18
C ASP C 6 -9.68 -21.01 -23.81
N ALA C 7 -8.55 -21.09 -23.12
CA ALA C 7 -7.85 -19.91 -22.61
C ALA C 7 -6.59 -19.67 -23.43
N LEU C 8 -6.48 -18.46 -23.97
CA LEU C 8 -5.25 -18.02 -24.64
C LEU C 8 -4.48 -17.14 -23.67
N PRO C 9 -3.34 -17.60 -23.14
CA PRO C 9 -2.64 -16.81 -22.11
C PRO C 9 -1.98 -15.57 -22.69
N ALA C 10 -1.81 -14.57 -21.83
CA ALA C 10 -1.15 -13.33 -22.20
C ALA C 10 -0.51 -12.72 -20.96
N PHE C 11 0.51 -11.89 -21.19
CA PHE C 11 1.24 -11.19 -20.13
C PHE C 11 1.79 -12.23 -19.16
N ASN C 12 1.67 -12.03 -17.84
CA ASN C 12 2.21 -12.98 -16.87
C ASN C 12 1.17 -13.99 -16.41
N ASP C 13 -0.09 -13.55 -16.24
CA ASP C 13 -1.11 -14.44 -15.71
C ASP C 13 -2.49 -14.16 -16.29
N ASN C 14 -2.58 -13.43 -17.40
CA ASN C 14 -3.87 -13.16 -18.03
C ASN C 14 -4.32 -14.36 -18.87
N TYR C 15 -5.63 -14.51 -18.99
CA TYR C 15 -6.24 -15.48 -19.89
C TYR C 15 -7.23 -14.76 -20.77
N ILE C 16 -7.10 -14.92 -22.08
CA ILE C 16 -8.06 -14.41 -23.05
C ILE C 16 -8.96 -15.58 -23.41
N TRP C 17 -10.15 -15.61 -22.81
CA TRP C 17 -11.07 -16.72 -23.03
C TRP C 17 -11.58 -16.73 -24.46
N LEU C 18 -11.46 -17.88 -25.12
CA LEU C 18 -11.82 -18.04 -26.52
C LEU C 18 -13.03 -18.96 -26.62
N LEU C 19 -14.18 -18.39 -26.96
CA LEU C 19 -15.41 -19.16 -27.14
C LEU C 19 -15.51 -19.61 -28.58
N GLN C 20 -15.69 -20.91 -28.79
CA GLN C 20 -15.62 -21.51 -30.11
C GLN C 20 -16.91 -22.27 -30.42
N ASP C 21 -17.53 -21.94 -31.56
CA ASP C 21 -18.69 -22.64 -32.10
C ASP C 21 -18.19 -23.41 -33.32
N ALA C 22 -17.91 -24.70 -33.14
CA ALA C 22 -17.32 -25.50 -34.21
C ALA C 22 -18.27 -25.70 -35.39
N THR C 23 -19.57 -25.56 -35.18
CA THR C 23 -20.52 -25.77 -36.27
C THR C 23 -20.41 -24.67 -37.31
N SER C 24 -20.62 -23.42 -36.91
CA SER C 24 -20.49 -22.28 -37.80
C SER C 24 -19.05 -21.76 -37.87
N ARG C 25 -18.14 -22.32 -37.08
CA ARG C 25 -16.74 -21.91 -37.06
C ARG C 25 -16.61 -20.41 -36.79
N ARG C 26 -17.47 -19.90 -35.92
CA ARG C 26 -17.40 -18.53 -35.44
C ARG C 26 -16.93 -18.54 -33.98
N CYS C 27 -16.12 -17.55 -33.62
CA CYS C 27 -15.54 -17.49 -32.29
C CYS C 27 -15.67 -16.09 -31.70
N ALA C 28 -15.50 -16.02 -30.39
CA ALA C 28 -15.53 -14.77 -29.64
C ALA C 28 -14.46 -14.81 -28.56
N VAL C 29 -14.02 -13.62 -28.13
CA VAL C 29 -12.97 -13.50 -27.13
C VAL C 29 -13.43 -12.56 -26.03
N VAL C 30 -12.93 -12.81 -24.82
CA VAL C 30 -13.28 -12.03 -23.64
C VAL C 30 -12.02 -11.35 -23.12
N ASP C 31 -12.06 -10.03 -23.01
CA ASP C 31 -10.98 -9.24 -22.41
C ASP C 31 -9.63 -9.46 -23.08
N PRO C 32 -9.50 -9.14 -24.38
CA PRO C 32 -8.21 -9.33 -25.06
C PRO C 32 -7.27 -8.15 -24.81
N GLY C 33 -6.53 -8.21 -23.70
CA GLY C 33 -5.58 -7.15 -23.41
C GLY C 33 -4.40 -7.15 -24.36
N ASP C 34 -4.08 -8.30 -24.95
CA ASP C 34 -3.06 -8.41 -25.98
C ASP C 34 -3.71 -8.96 -27.23
N ALA C 35 -3.67 -8.19 -28.31
CA ALA C 35 -4.26 -8.64 -29.57
C ALA C 35 -3.42 -9.74 -30.23
N LYS C 36 -2.16 -9.88 -29.83
CA LYS C 36 -1.26 -10.78 -30.55
C LYS C 36 -1.65 -12.25 -30.39
N PRO C 37 -1.92 -12.77 -29.19
CA PRO C 37 -2.28 -14.20 -29.10
C PRO C 37 -3.58 -14.54 -29.79
N VAL C 38 -4.50 -13.58 -29.92
CA VAL C 38 -5.73 -13.85 -30.67
C VAL C 38 -5.46 -13.87 -32.16
N GLU C 39 -4.65 -12.93 -32.65
CA GLU C 39 -4.32 -12.90 -34.07
C GLU C 39 -3.56 -14.15 -34.49
N ALA C 40 -2.69 -14.66 -33.61
CA ALA C 40 -1.97 -15.88 -33.92
C ALA C 40 -2.90 -17.08 -34.02
N TRP C 41 -3.88 -17.17 -33.11
CA TRP C 41 -4.87 -18.23 -33.21
C TRP C 41 -5.73 -18.08 -34.45
N LEU C 42 -6.10 -16.84 -34.79
CA LEU C 42 -6.90 -16.61 -35.99
C LEU C 42 -6.11 -16.94 -37.25
N ALA C 43 -4.81 -16.64 -37.25
CA ALA C 43 -3.97 -16.97 -38.40
C ALA C 43 -3.91 -18.47 -38.62
N ALA C 44 -3.77 -19.24 -37.53
CA ALA C 44 -3.71 -20.69 -37.61
C ALA C 44 -5.07 -21.34 -37.82
N HIS C 45 -6.15 -20.55 -37.86
CA HIS C 45 -7.50 -21.05 -38.14
C HIS C 45 -8.14 -20.14 -39.18
N PRO C 46 -7.68 -20.19 -40.43
CA PRO C 46 -8.20 -19.29 -41.45
C PRO C 46 -9.66 -19.54 -41.80
N ASP C 47 -10.20 -20.71 -41.47
CA ASP C 47 -11.61 -21.01 -41.70
C ASP C 47 -12.52 -20.52 -40.59
N TRP C 48 -11.98 -19.75 -39.64
CA TRP C 48 -12.75 -19.22 -38.52
C TRP C 48 -12.82 -17.71 -38.61
N ARG C 49 -13.89 -17.15 -38.04
CA ARG C 49 -14.08 -15.71 -37.97
C ARG C 49 -14.39 -15.30 -36.54
N LEU C 50 -13.96 -14.10 -36.17
CA LEU C 50 -14.23 -13.53 -34.85
C LEU C 50 -15.49 -12.69 -34.93
N SER C 51 -16.52 -13.08 -34.16
CA SER C 51 -17.79 -12.38 -34.20
C SER C 51 -17.87 -11.25 -33.17
N ASP C 52 -17.50 -11.52 -31.93
CA ASP C 52 -17.72 -10.58 -30.84
C ASP C 52 -16.48 -10.48 -29.96
N ILE C 53 -16.32 -9.31 -29.34
CA ILE C 53 -15.26 -9.06 -28.37
C ILE C 53 -15.96 -8.57 -27.10
N LEU C 54 -15.86 -9.37 -26.04
CA LEU C 54 -16.53 -9.08 -24.77
C LEU C 54 -15.53 -8.50 -23.79
N VAL C 55 -15.88 -7.36 -23.19
CA VAL C 55 -14.98 -6.64 -22.29
C VAL C 55 -15.70 -6.47 -20.96
N THR C 56 -15.00 -6.75 -19.86
CA THR C 56 -15.56 -6.66 -18.52
C THR C 56 -15.22 -5.36 -17.79
N HIS C 57 -13.98 -4.87 -17.92
CA HIS C 57 -13.63 -3.58 -17.33
C HIS C 57 -12.47 -2.97 -18.09
N HIS C 58 -12.13 -1.73 -17.73
CA HIS C 58 -11.36 -0.83 -18.57
C HIS C 58 -9.85 -0.92 -18.38
N HIS C 59 -9.34 -1.96 -17.72
CA HIS C 59 -7.92 -2.01 -17.44
C HIS C 59 -7.13 -2.44 -18.68
N HIS C 60 -5.86 -2.02 -18.72
CA HIS C 60 -5.03 -2.23 -19.90
C HIS C 60 -4.96 -3.70 -20.29
N ASP C 61 -4.89 -4.58 -19.31
CA ASP C 61 -4.74 -6.02 -19.57
C ASP C 61 -6.03 -6.66 -20.07
N HIS C 62 -7.10 -5.89 -20.25
CA HIS C 62 -8.35 -6.41 -20.79
C HIS C 62 -8.83 -5.70 -22.04
N VAL C 63 -8.28 -4.51 -22.34
CA VAL C 63 -8.71 -3.74 -23.51
C VAL C 63 -7.57 -3.37 -24.43
N GLY C 64 -6.32 -3.75 -24.10
CA GLY C 64 -5.19 -3.30 -24.88
C GLY C 64 -5.23 -3.73 -26.34
N GLY C 65 -5.88 -4.85 -26.62
CA GLY C 65 -5.97 -5.36 -27.98
C GLY C 65 -7.35 -5.30 -28.61
N VAL C 66 -8.31 -4.57 -28.02
CA VAL C 66 -9.67 -4.57 -28.53
C VAL C 66 -9.74 -3.83 -29.87
N ALA C 67 -9.19 -2.62 -29.93
CA ALA C 67 -9.29 -1.82 -31.14
C ALA C 67 -8.60 -2.50 -32.33
N ALA C 68 -7.41 -3.08 -32.09
CA ALA C 68 -6.70 -3.74 -33.18
C ALA C 68 -7.44 -4.97 -33.66
N LEU C 69 -8.03 -5.74 -32.73
CA LEU C 69 -8.77 -6.94 -33.13
C LEU C 69 -10.04 -6.57 -33.89
N LYS C 70 -10.75 -5.55 -33.43
CA LYS C 70 -11.97 -5.13 -34.12
C LYS C 70 -11.64 -4.60 -35.52
N GLU C 71 -10.57 -3.82 -35.64
CA GLU C 71 -10.17 -3.32 -36.95
C GLU C 71 -9.75 -4.46 -37.88
N LEU C 72 -9.17 -5.53 -37.32
CA LEU C 72 -8.73 -6.64 -38.15
C LEU C 72 -9.89 -7.52 -38.59
N THR C 73 -10.82 -7.82 -37.68
CA THR C 73 -11.88 -8.79 -37.94
C THR C 73 -13.26 -8.18 -38.17
N GLY C 74 -13.48 -6.93 -37.75
CA GLY C 74 -14.80 -6.35 -37.83
C GLY C 74 -15.75 -6.81 -36.75
N ALA C 75 -15.25 -7.44 -35.70
CA ALA C 75 -16.10 -8.00 -34.66
C ALA C 75 -16.82 -6.89 -33.89
N ARG C 76 -17.87 -7.28 -33.18
CA ARG C 76 -18.65 -6.37 -32.35
C ARG C 76 -18.05 -6.31 -30.95
N VAL C 77 -17.89 -5.10 -30.43
CA VAL C 77 -17.26 -4.89 -29.13
C VAL C 77 -18.33 -4.62 -28.10
N LEU C 78 -18.40 -5.46 -27.07
CA LEU C 78 -19.33 -5.31 -25.96
C LEU C 78 -18.54 -4.92 -24.72
N GLY C 79 -19.03 -3.90 -24.00
CA GLY C 79 -18.33 -3.42 -22.84
C GLY C 79 -19.23 -2.71 -21.85
N PRO C 80 -18.69 -2.38 -20.68
CA PRO C 80 -19.47 -1.65 -19.68
C PRO C 80 -19.86 -0.27 -20.19
N ALA C 81 -21.00 0.22 -19.68
CA ALA C 81 -21.56 1.47 -20.20
C ALA C 81 -20.85 2.71 -19.64
N ASN C 82 -20.34 2.64 -18.42
CA ASN C 82 -19.78 3.81 -17.75
C ASN C 82 -18.27 3.69 -17.55
N GLU C 83 -17.59 3.14 -18.56
CA GLU C 83 -16.14 3.10 -18.59
C GLU C 83 -15.67 3.33 -20.02
N LYS C 84 -14.46 3.86 -20.15
CA LYS C 84 -13.87 4.11 -21.46
C LYS C 84 -13.35 2.79 -22.01
N ILE C 85 -14.08 2.22 -22.96
CA ILE C 85 -13.71 0.97 -23.62
C ILE C 85 -13.36 1.29 -25.07
N PRO C 86 -12.19 0.91 -25.56
CA PRO C 86 -11.79 1.30 -26.93
C PRO C 86 -12.70 0.66 -27.97
N ALA C 87 -13.19 1.49 -28.89
CA ALA C 87 -13.97 1.03 -30.04
C ALA C 87 -15.19 0.21 -29.62
N ARG C 88 -15.81 0.60 -28.51
CA ARG C 88 -16.98 -0.11 -28.02
C ARG C 88 -18.20 0.23 -28.86
N ASP C 89 -18.98 -0.81 -29.18
CA ASP C 89 -20.23 -0.65 -29.93
C ASP C 89 -21.46 -0.65 -29.05
N LEU C 90 -21.48 -1.49 -28.00
CA LEU C 90 -22.66 -1.71 -27.19
C LEU C 90 -22.35 -1.33 -25.74
N ALA C 91 -22.97 -0.26 -25.26
CA ALA C 91 -22.88 0.12 -23.85
C ALA C 91 -23.86 -0.74 -23.06
N LEU C 92 -23.33 -1.63 -22.23
CA LEU C 92 -24.12 -2.63 -21.53
C LEU C 92 -24.48 -2.14 -20.13
N GLU C 93 -25.75 -2.24 -19.78
CA GLU C 93 -26.25 -1.86 -18.48
C GLU C 93 -26.63 -3.09 -17.68
N ASP C 94 -26.79 -2.90 -16.37
CA ASP C 94 -27.19 -4.00 -15.50
C ASP C 94 -28.61 -4.45 -15.85
N GLY C 95 -28.78 -5.76 -15.99
CA GLY C 95 -30.07 -6.33 -16.34
C GLY C 95 -30.29 -6.50 -17.82
N GLU C 96 -29.43 -5.95 -18.67
CA GLU C 96 -29.57 -6.09 -20.11
C GLU C 96 -29.12 -7.48 -20.57
N ARG C 97 -29.53 -7.84 -21.78
CA ARG C 97 -29.23 -9.14 -22.35
C ARG C 97 -28.58 -8.98 -23.71
N VAL C 98 -27.61 -9.85 -24.01
CA VAL C 98 -26.96 -9.88 -25.31
C VAL C 98 -26.84 -11.34 -25.74
N GLU C 99 -26.75 -11.55 -27.05
CA GLU C 99 -26.58 -12.87 -27.63
C GLU C 99 -25.20 -12.95 -28.27
N VAL C 100 -24.39 -13.89 -27.79
CA VAL C 100 -23.04 -14.12 -28.31
C VAL C 100 -22.93 -15.59 -28.70
N LEU C 101 -22.72 -15.84 -30.00
CA LEU C 101 -22.61 -17.19 -30.53
C LEU C 101 -23.83 -18.04 -30.20
N GLY C 102 -25.00 -17.41 -30.15
CA GLY C 102 -26.24 -18.13 -29.86
C GLY C 102 -26.58 -18.27 -28.40
N LEU C 103 -25.76 -17.74 -27.49
CA LEU C 103 -26.01 -17.82 -26.07
C LEU C 103 -26.45 -16.47 -25.55
N VAL C 104 -27.57 -16.45 -24.82
CA VAL C 104 -28.04 -15.23 -24.18
C VAL C 104 -27.28 -15.03 -22.88
N PHE C 105 -26.73 -13.84 -22.69
CA PHE C 105 -25.97 -13.50 -21.50
C PHE C 105 -26.68 -12.38 -20.76
N GLU C 106 -26.77 -12.51 -19.43
CA GLU C 106 -27.25 -11.43 -18.58
C GLU C 106 -26.07 -10.59 -18.13
N ILE C 107 -26.26 -9.27 -18.11
CA ILE C 107 -25.22 -8.32 -17.75
C ILE C 107 -25.39 -7.93 -16.28
N PHE C 108 -24.43 -8.29 -15.45
CA PHE C 108 -24.43 -7.95 -14.04
C PHE C 108 -23.44 -6.82 -13.81
N HIS C 109 -23.93 -5.69 -13.28
CA HIS C 109 -23.03 -4.61 -12.87
C HIS C 109 -22.42 -4.99 -11.54
N VAL C 110 -21.11 -5.22 -11.53
CA VAL C 110 -20.42 -5.70 -10.33
C VAL C 110 -19.34 -4.70 -9.91
N PRO C 111 -19.71 -3.58 -9.28
CA PRO C 111 -18.70 -2.62 -8.85
C PRO C 111 -17.86 -3.15 -7.69
N GLY C 112 -16.62 -2.69 -7.63
CA GLY C 112 -15.69 -3.13 -6.60
C GLY C 112 -14.25 -3.00 -7.05
N HIS C 113 -13.84 -3.88 -7.97
CA HIS C 113 -12.53 -3.71 -8.60
C HIS C 113 -12.46 -2.38 -9.34
N THR C 114 -13.44 -2.12 -10.20
CA THR C 114 -13.67 -0.81 -10.79
C THR C 114 -15.14 -0.46 -10.60
N LEU C 115 -15.46 0.82 -10.83
CA LEU C 115 -16.83 1.28 -10.60
C LEU C 115 -17.79 0.80 -11.69
N GLY C 116 -17.31 0.62 -12.91
CA GLY C 116 -18.15 0.21 -14.01
C GLY C 116 -18.06 -1.24 -14.40
N HIS C 117 -17.31 -2.06 -13.64
CA HIS C 117 -17.12 -3.47 -13.96
C HIS C 117 -18.46 -4.18 -14.14
N ILE C 118 -18.56 -4.95 -15.23
CA ILE C 118 -19.73 -5.76 -15.52
C ILE C 118 -19.30 -7.22 -15.61
N ALA C 119 -20.30 -8.11 -15.57
CA ALA C 119 -20.06 -9.54 -15.65
C ALA C 119 -21.09 -10.17 -16.57
N TYR C 120 -20.64 -11.15 -17.35
CA TYR C 120 -21.51 -11.85 -18.30
C TYR C 120 -21.90 -13.19 -17.70
N TYR C 121 -23.21 -13.42 -17.59
CA TYR C 121 -23.75 -14.66 -17.03
C TYR C 121 -24.72 -15.27 -18.01
N HIS C 122 -24.49 -16.53 -18.37
CA HIS C 122 -25.37 -17.26 -19.27
C HIS C 122 -26.10 -18.35 -18.49
N PRO C 123 -27.40 -18.22 -18.26
CA PRO C 123 -28.13 -19.29 -17.59
C PRO C 123 -28.31 -20.49 -18.50
N ALA C 124 -28.09 -21.68 -17.95
CA ALA C 124 -28.22 -22.93 -18.69
C ALA C 124 -28.24 -24.07 -17.67
N GLU C 125 -28.35 -25.30 -18.17
CA GLU C 125 -28.20 -26.46 -17.31
C GLU C 125 -26.85 -26.46 -16.62
N THR C 126 -25.82 -25.98 -17.32
CA THR C 126 -24.51 -25.70 -16.74
C THR C 126 -24.19 -24.26 -17.08
N PRO C 127 -24.50 -23.31 -16.20
CA PRO C 127 -24.32 -21.89 -16.52
C PRO C 127 -22.84 -21.51 -16.57
N LEU C 128 -22.57 -20.44 -17.31
CA LEU C 128 -21.23 -19.91 -17.48
C LEU C 128 -21.17 -18.48 -16.96
N LEU C 129 -20.03 -18.12 -16.38
CA LEU C 129 -19.83 -16.81 -15.80
C LEU C 129 -18.48 -16.26 -16.22
N PHE C 130 -18.49 -15.06 -16.81
CA PHE C 130 -17.28 -14.31 -17.14
C PHE C 130 -17.25 -13.08 -16.23
N CYS C 131 -16.50 -13.16 -15.13
CA CYS C 131 -16.51 -12.13 -14.10
C CYS C 131 -15.26 -11.27 -14.08
N GLY C 132 -14.35 -11.46 -15.03
CA GLY C 132 -13.20 -10.57 -15.14
C GLY C 132 -12.30 -10.61 -13.93
N ASP C 133 -12.19 -9.47 -13.25
CA ASP C 133 -11.34 -9.33 -12.07
C ASP C 133 -12.15 -9.13 -10.80
N THR C 134 -13.46 -9.37 -10.85
CA THR C 134 -14.31 -9.25 -9.67
C THR C 134 -14.14 -10.46 -8.75
N LEU C 135 -14.53 -11.64 -9.24
CA LEU C 135 -14.37 -12.88 -8.51
C LEU C 135 -13.19 -13.66 -9.09
N PHE C 136 -12.31 -14.13 -8.21
CA PHE C 136 -11.20 -14.97 -8.61
C PHE C 136 -11.34 -16.34 -7.95
N ALA C 137 -10.64 -17.32 -8.51
CA ALA C 137 -10.60 -18.65 -7.91
C ALA C 137 -9.98 -18.56 -6.52
N ALA C 138 -10.80 -18.75 -5.48
CA ALA C 138 -10.38 -18.63 -4.08
C ALA C 138 -9.90 -17.22 -3.74
N GLY C 139 -10.44 -16.23 -4.42
CA GLY C 139 -10.05 -14.86 -4.13
C GLY C 139 -10.95 -13.86 -4.83
N CYS C 140 -10.45 -12.62 -4.90
CA CYS C 140 -11.17 -11.55 -5.58
C CYS C 140 -10.16 -10.47 -5.94
N GLY C 141 -10.63 -9.51 -6.75
CA GLY C 141 -9.75 -8.44 -7.18
C GLY C 141 -9.52 -7.39 -6.11
N ARG C 142 -8.45 -6.63 -6.28
CA ARG C 142 -8.15 -5.54 -5.37
C ARG C 142 -9.11 -4.38 -5.62
N LEU C 143 -9.24 -3.52 -4.60
CA LEU C 143 -10.17 -2.40 -4.65
C LEU C 143 -9.45 -1.21 -5.30
N PHE C 144 -9.37 -1.25 -6.63
CA PHE C 144 -8.71 -0.18 -7.36
C PHE C 144 -9.55 1.11 -7.32
N GLU C 145 -10.86 0.99 -7.48
CA GLU C 145 -11.73 2.16 -7.54
C GLU C 145 -12.94 2.10 -6.63
N GLY C 146 -13.32 0.93 -6.11
CA GLY C 146 -14.52 0.77 -5.32
C GLY C 146 -14.26 0.62 -3.84
N THR C 147 -15.36 0.57 -3.09
CA THR C 147 -15.36 0.41 -1.65
C THR C 147 -15.49 -1.06 -1.28
N PRO C 148 -15.14 -1.43 -0.04
CA PRO C 148 -15.38 -2.81 0.40
C PRO C 148 -16.85 -3.20 0.40
N ALA C 149 -17.76 -2.23 0.55
CA ALA C 149 -19.18 -2.52 0.53
C ALA C 149 -19.64 -2.94 -0.87
N GLN C 150 -19.18 -2.22 -1.90
CA GLN C 150 -19.55 -2.58 -3.26
C GLN C 150 -18.98 -3.93 -3.65
N MET C 151 -17.74 -4.20 -3.25
CA MET C 151 -17.12 -5.48 -3.57
C MET C 151 -17.87 -6.63 -2.91
N HIS C 152 -18.27 -6.44 -1.65
CA HIS C 152 -19.01 -7.49 -0.95
C HIS C 152 -20.38 -7.73 -1.59
N HIS C 153 -21.09 -6.66 -1.94
CA HIS C 153 -22.40 -6.82 -2.56
C HIS C 153 -22.30 -7.49 -3.92
N SER C 154 -21.25 -7.16 -4.68
CA SER C 154 -21.05 -7.80 -5.98
C SER C 154 -20.75 -9.28 -5.81
N LEU C 155 -19.89 -9.63 -4.85
CA LEU C 155 -19.55 -11.03 -4.62
C LEU C 155 -20.76 -11.81 -4.14
N ALA C 156 -21.56 -11.21 -3.26
CA ALA C 156 -22.78 -11.87 -2.79
C ALA C 156 -23.72 -12.16 -3.94
N ARG C 157 -23.83 -11.22 -4.89
CA ARG C 157 -24.66 -11.46 -6.08
C ARG C 157 -24.14 -12.64 -6.88
N LEU C 158 -22.82 -12.74 -7.04
CA LEU C 158 -22.24 -13.87 -7.76
C LEU C 158 -22.33 -15.16 -6.95
N ALA C 159 -22.26 -15.06 -5.62
CA ALA C 159 -22.33 -16.25 -4.79
C ALA C 159 -23.72 -16.87 -4.81
N ALA C 160 -24.76 -16.06 -5.08
CA ALA C 160 -26.13 -16.54 -5.15
C ALA C 160 -26.42 -17.24 -6.48
N LEU C 161 -25.48 -17.26 -7.41
CA LEU C 161 -25.66 -17.95 -8.67
C LEU C 161 -25.71 -19.46 -8.43
N PRO C 162 -26.18 -20.23 -9.42
CA PRO C 162 -26.23 -21.69 -9.24
C PRO C 162 -24.87 -22.29 -8.89
N ALA C 163 -24.91 -23.36 -8.10
CA ALA C 163 -23.68 -23.95 -7.58
C ALA C 163 -22.80 -24.52 -8.69
N ASN C 164 -23.40 -24.95 -9.80
CA ASN C 164 -22.64 -25.53 -10.91
C ASN C 164 -22.27 -24.51 -11.97
N THR C 165 -22.34 -23.22 -11.66
CA THR C 165 -21.92 -22.20 -12.60
C THR C 165 -20.41 -22.24 -12.77
N ARG C 166 -19.96 -22.35 -14.01
CA ARG C 166 -18.53 -22.37 -14.30
C ARG C 166 -17.97 -20.97 -14.23
N VAL C 167 -16.89 -20.80 -13.46
CA VAL C 167 -16.35 -19.48 -13.13
C VAL C 167 -15.15 -19.22 -14.03
N TYR C 168 -15.34 -18.34 -15.03
CA TYR C 168 -14.26 -17.96 -15.94
C TYR C 168 -13.75 -16.58 -15.52
N CYS C 169 -12.86 -16.56 -14.54
CA CYS C 169 -12.18 -15.33 -14.20
C CYS C 169 -10.96 -15.15 -15.11
N THR C 170 -10.31 -13.99 -14.99
CA THR C 170 -9.28 -13.63 -15.95
C THR C 170 -7.90 -14.13 -15.56
N HIS C 171 -7.49 -13.91 -14.31
CA HIS C 171 -6.09 -14.03 -13.93
C HIS C 171 -5.79 -15.35 -13.24
N GLU C 172 -4.58 -15.87 -13.49
CA GLU C 172 -4.10 -17.10 -12.86
C GLU C 172 -3.52 -16.76 -11.48
N TYR C 173 -4.43 -16.38 -10.58
CA TYR C 173 -4.09 -16.04 -9.20
C TYR C 173 -4.38 -17.19 -8.24
N THR C 174 -4.77 -18.35 -8.75
CA THR C 174 -5.38 -19.39 -7.91
C THR C 174 -4.43 -19.87 -6.82
N LEU C 175 -3.19 -20.19 -7.18
CA LEU C 175 -2.24 -20.70 -6.20
C LEU C 175 -1.99 -19.68 -5.09
N SER C 176 -1.67 -18.44 -5.47
CA SER C 176 -1.45 -17.40 -4.48
C SER C 176 -2.71 -17.10 -3.68
N ASN C 177 -3.89 -17.25 -4.29
CA ASN C 177 -5.13 -17.02 -3.58
C ASN C 177 -5.35 -18.08 -2.50
N LEU C 178 -5.11 -19.35 -2.83
CA LEU C 178 -5.31 -20.43 -1.86
C LEU C 178 -4.32 -20.34 -0.72
N ARG C 179 -3.11 -19.83 -0.98
CA ARG C 179 -2.13 -19.66 0.09
C ARG C 179 -2.65 -18.69 1.16
N PHE C 180 -3.31 -17.61 0.72
CA PHE C 180 -3.91 -16.70 1.68
C PHE C 180 -5.14 -17.30 2.33
N ALA C 181 -5.91 -18.10 1.58
CA ALA C 181 -7.09 -18.74 2.14
C ALA C 181 -6.72 -19.68 3.28
N LEU C 182 -5.58 -20.38 3.15
CA LEU C 182 -5.13 -21.27 4.22
C LEU C 182 -4.70 -20.50 5.46
N ALA C 183 -4.39 -19.21 5.33
CA ALA C 183 -4.14 -18.38 6.50
C ALA C 183 -5.44 -18.01 7.20
N VAL C 184 -6.54 -17.90 6.45
CA VAL C 184 -7.83 -17.59 7.03
C VAL C 184 -8.43 -18.83 7.70
N GLU C 185 -8.44 -19.96 6.98
CA GLU C 185 -9.00 -21.22 7.46
C GLU C 185 -7.96 -22.31 7.33
N PRO C 186 -7.06 -22.43 8.32
CA PRO C 186 -6.03 -23.50 8.24
C PRO C 186 -6.61 -24.90 8.33
N ASP C 187 -7.79 -25.07 8.95
CA ASP C 187 -8.37 -26.38 9.17
C ASP C 187 -9.54 -26.67 8.21
N ASN C 188 -9.66 -25.91 7.13
CA ASN C 188 -10.65 -26.19 6.10
C ASN C 188 -10.14 -27.35 5.26
N ALA C 189 -10.82 -28.50 5.36
CA ALA C 189 -10.34 -29.72 4.71
C ALA C 189 -10.39 -29.59 3.19
N ALA C 190 -11.52 -29.11 2.66
CA ALA C 190 -11.64 -28.94 1.20
C ALA C 190 -10.66 -27.89 0.69
N LEU C 191 -10.34 -26.90 1.51
CA LEU C 191 -9.35 -25.89 1.12
C LEU C 191 -7.96 -26.51 1.02
N ARG C 192 -7.56 -27.26 2.04
CA ARG C 192 -6.28 -27.96 2.00
C ARG C 192 -6.20 -28.89 0.80
N GLU C 193 -7.29 -29.59 0.50
CA GLU C 193 -7.32 -30.48 -0.65
C GLU C 193 -7.21 -29.69 -1.96
N ARG C 194 -7.89 -28.55 -2.04
CA ARG C 194 -7.84 -27.74 -3.26
C ARG C 194 -6.45 -27.14 -3.46
N PHE C 195 -5.80 -26.70 -2.39
CA PHE C 195 -4.45 -26.15 -2.50
C PHE C 195 -3.48 -27.20 -3.04
N GLU C 196 -3.60 -28.43 -2.56
CA GLU C 196 -2.71 -29.49 -3.03
C GLU C 196 -2.94 -29.81 -4.51
N GLU C 197 -4.18 -29.71 -4.97
CA GLU C 197 -4.47 -29.98 -6.37
C GLU C 197 -4.00 -28.82 -7.27
N ALA C 198 -4.14 -27.59 -6.78
CA ALA C 198 -3.63 -26.45 -7.55
C ALA C 198 -2.11 -26.46 -7.62
N THR C 199 -1.45 -26.97 -6.58
CA THR C 199 0.00 -27.10 -6.64
C THR C 199 0.42 -28.08 -7.73
N ARG C 200 -0.30 -29.19 -7.86
CA ARG C 200 0.01 -30.16 -8.91
C ARG C 200 -0.25 -29.58 -10.29
N LEU C 201 -1.34 -28.82 -10.44
CA LEU C 201 -1.67 -28.25 -11.74
C LEU C 201 -0.64 -27.23 -12.19
N ARG C 202 -0.22 -26.35 -11.29
CA ARG C 202 0.73 -25.31 -11.68
C ARG C 202 2.12 -25.88 -11.94
N GLU C 203 2.52 -26.89 -11.16
CA GLU C 203 3.80 -27.54 -11.42
C GLU C 203 3.82 -28.24 -12.77
N ARG C 204 2.66 -28.72 -13.23
CA ARG C 204 2.52 -29.31 -14.54
C ARG C 204 2.17 -28.28 -15.61
N ASP C 205 2.23 -26.99 -15.28
CA ASP C 205 1.92 -25.90 -16.21
C ASP C 205 0.49 -26.05 -16.75
N ARG C 206 -0.44 -26.46 -15.89
CA ARG C 206 -1.83 -26.62 -16.25
C ARG C 206 -2.66 -25.47 -15.70
N ILE C 207 -3.71 -25.11 -16.44
CA ILE C 207 -4.59 -24.04 -16.00
C ILE C 207 -5.47 -24.53 -14.85
N THR C 208 -5.79 -23.62 -13.94
CA THR C 208 -6.66 -23.92 -12.81
C THR C 208 -8.09 -23.44 -13.03
N LEU C 209 -8.36 -22.82 -14.18
CA LEU C 209 -9.65 -22.27 -14.51
C LEU C 209 -10.28 -23.02 -15.68
N PRO C 210 -11.61 -23.04 -15.80
CA PRO C 210 -12.61 -22.41 -14.93
C PRO C 210 -12.81 -23.14 -13.61
N SER C 211 -13.32 -22.44 -12.61
CA SER C 211 -13.71 -23.02 -11.35
C SER C 211 -15.23 -23.22 -11.32
N GLU C 212 -15.75 -23.62 -10.17
CA GLU C 212 -17.18 -23.76 -9.98
C GLU C 212 -17.61 -22.92 -8.78
N ILE C 213 -18.85 -22.41 -8.84
CA ILE C 213 -19.38 -21.61 -7.74
C ILE C 213 -19.44 -22.45 -6.47
N SER C 214 -19.84 -23.71 -6.59
CA SER C 214 -19.92 -24.59 -5.43
C SER C 214 -18.57 -24.70 -4.73
N LEU C 215 -17.50 -24.93 -5.50
CA LEU C 215 -16.17 -24.99 -4.91
C LEU C 215 -15.77 -23.65 -4.31
N GLU C 216 -16.23 -22.55 -4.91
CA GLU C 216 -15.92 -21.24 -4.35
C GLU C 216 -16.64 -21.00 -3.02
N LEU C 217 -17.90 -21.44 -2.93
CA LEU C 217 -18.64 -21.28 -1.69
C LEU C 217 -18.01 -22.04 -0.52
N SER C 218 -17.22 -23.08 -0.81
CA SER C 218 -16.64 -23.91 0.24
C SER C 218 -15.19 -23.55 0.58
N THR C 219 -14.48 -22.87 -0.32
CA THR C 219 -13.06 -22.59 -0.10
C THR C 219 -12.64 -21.14 -0.29
N ASN C 220 -13.47 -20.28 -0.86
CA ASN C 220 -13.09 -18.88 -1.07
C ASN C 220 -13.37 -18.09 0.20
N PRO C 221 -12.35 -17.49 0.82
CA PRO C 221 -12.62 -16.74 2.07
C PRO C 221 -13.51 -15.52 1.86
N PHE C 222 -13.36 -14.82 0.73
CA PHE C 222 -14.15 -13.61 0.50
C PHE C 222 -15.62 -13.92 0.26
N LEU C 223 -15.97 -15.17 -0.03
CA LEU C 223 -17.37 -15.58 -0.13
C LEU C 223 -17.88 -16.26 1.13
N ARG C 224 -17.01 -16.50 2.11
CA ARG C 224 -17.37 -17.17 3.35
C ARG C 224 -17.30 -16.22 4.55
N VAL C 225 -17.53 -14.92 4.31
CA VAL C 225 -17.39 -13.93 5.37
C VAL C 225 -18.48 -14.04 6.43
N SER C 226 -19.53 -14.82 6.18
CA SER C 226 -20.61 -15.01 7.14
C SER C 226 -20.51 -16.34 7.89
N GLU C 227 -19.42 -17.09 7.69
CA GLU C 227 -19.19 -18.32 8.42
C GLU C 227 -18.44 -18.04 9.72
N ASN C 228 -18.64 -18.92 10.71
CA ASN C 228 -18.08 -18.68 12.03
C ASN C 228 -16.56 -18.68 12.00
N SER C 229 -15.96 -19.62 11.26
CA SER C 229 -14.50 -19.72 11.26
C SER C 229 -13.86 -18.48 10.64
N VAL C 230 -14.43 -17.96 9.55
CA VAL C 230 -13.83 -16.84 8.86
C VAL C 230 -14.00 -15.56 9.66
N LYS C 231 -15.21 -15.33 10.18
CA LYS C 231 -15.45 -14.16 11.01
C LYS C 231 -14.60 -14.20 12.28
N LYS C 232 -14.31 -15.39 12.79
CA LYS C 232 -13.46 -15.53 13.97
C LYS C 232 -12.03 -15.09 13.65
N LYS C 233 -11.47 -15.57 12.55
CA LYS C 233 -10.10 -15.19 12.19
C LYS C 233 -10.02 -13.73 11.78
N ALA C 234 -11.08 -13.19 11.17
CA ALA C 234 -11.10 -11.77 10.84
C ALA C 234 -11.14 -10.93 12.11
N ASP C 235 -11.81 -11.42 13.17
CA ASP C 235 -11.86 -10.68 14.41
C ASP C 235 -10.53 -10.75 15.16
N GLN C 236 -9.81 -11.87 15.03
CA GLN C 236 -8.49 -11.98 15.66
C GLN C 236 -7.48 -11.09 14.96
N ARG C 237 -7.48 -11.10 13.63
CA ARG C 237 -6.49 -10.33 12.87
C ARG C 237 -6.70 -8.84 13.03
N SER C 238 -7.96 -8.40 13.03
CA SER C 238 -8.26 -6.98 13.16
C SER C 238 -8.36 -6.52 14.60
N GLY C 239 -8.69 -7.41 15.53
CA GLY C 239 -8.88 -7.05 16.92
C GLY C 239 -10.28 -6.61 17.27
N GLN C 240 -11.07 -6.19 16.28
CA GLN C 240 -12.42 -5.72 16.52
C GLN C 240 -13.41 -6.89 16.46
N GLN C 241 -14.68 -6.59 16.76
CA GLN C 241 -15.77 -7.54 16.62
C GLN C 241 -16.61 -7.08 15.44
N ASN C 242 -16.47 -7.76 14.30
CA ASN C 242 -17.13 -7.37 13.07
C ASN C 242 -18.54 -7.96 13.05
N ARG C 243 -19.55 -7.11 13.22
CA ARG C 243 -20.93 -7.57 13.34
C ARG C 243 -21.52 -7.96 11.99
N THR C 244 -21.07 -7.36 10.90
CA THR C 244 -21.66 -7.60 9.59
C THR C 244 -20.69 -8.36 8.68
N PRO C 245 -21.21 -9.16 7.75
CA PRO C 245 -20.30 -9.84 6.80
C PRO C 245 -19.52 -8.89 5.93
N GLU C 246 -20.05 -7.68 5.69
CA GLU C 246 -19.28 -6.69 4.94
C GLU C 246 -18.07 -6.22 5.73
N GLU C 247 -18.24 -6.02 7.04
CA GLU C 247 -17.10 -5.63 7.88
C GLU C 247 -16.06 -6.74 7.95
N VAL C 248 -16.51 -8.00 7.95
CA VAL C 248 -15.58 -9.12 7.91
C VAL C 248 -14.81 -9.11 6.59
N PHE C 249 -15.52 -8.83 5.48
CA PHE C 249 -14.86 -8.81 4.18
C PHE C 249 -13.82 -7.69 4.10
N ALA C 250 -14.16 -6.51 4.61
CA ALA C 250 -13.23 -5.38 4.57
C ALA C 250 -11.93 -5.71 5.28
N VAL C 251 -12.02 -6.45 6.38
CA VAL C 251 -10.81 -6.87 7.10
C VAL C 251 -9.98 -7.81 6.25
N LEU C 252 -10.63 -8.75 5.56
CA LEU C 252 -9.90 -9.74 4.78
C LEU C 252 -9.26 -9.12 3.54
N ARG C 253 -9.99 -8.24 2.84
CA ARG C 253 -9.43 -7.62 1.65
C ARG C 253 -8.26 -6.71 1.98
N ALA C 254 -8.34 -5.98 3.10
CA ALA C 254 -7.20 -5.19 3.54
C ALA C 254 -6.07 -6.08 4.03
N TRP C 255 -6.40 -7.23 4.62
CA TRP C 255 -5.37 -8.19 5.02
C TRP C 255 -4.63 -8.74 3.81
N LYS C 256 -5.37 -9.13 2.77
CA LYS C 256 -4.73 -9.71 1.59
C LYS C 256 -3.90 -8.68 0.85
N ASP C 257 -4.21 -7.39 0.98
CA ASP C 257 -3.36 -6.37 0.38
C ASP C 257 -1.96 -6.41 0.98
N GLN C 258 -1.86 -6.72 2.27
CA GLN C 258 -0.56 -6.78 2.93
C GLN C 258 0.20 -8.05 2.59
N PHE C 259 -0.49 -9.19 2.62
CA PHE C 259 0.10 -10.52 2.46
C PHE C 259 1.19 -10.62 1.39
C1 GOL D . 4.16 7.73 39.86
O1 GOL D . 4.55 8.64 40.83
C2 GOL D . 3.61 6.49 40.59
O2 GOL D . 4.62 5.62 40.98
C3 GOL D . 2.85 7.08 41.80
O3 GOL D . 3.19 6.29 42.89
ZN ZN E . -10.49 8.21 24.34
ZN ZN F . -10.58 8.09 27.31
CL CL G . -6.41 -0.85 25.67
ZN ZN H . 24.87 4.90 -16.29
ZN ZN I . 24.08 4.98 -13.29
CL CL J . 20.76 14.06 -15.98
ZN ZN K . -8.31 -5.31 -13.42
ZN ZN L . -6.80 -7.73 -14.78
CL CL M . -5.22 -9.82 -4.88
#